data_7YKV
#
_entry.id   7YKV
#
_cell.length_a   83.481
_cell.length_b   175.395
_cell.length_c   66.265
_cell.angle_alpha   90.00
_cell.angle_beta   90.00
_cell.angle_gamma   90.00
#
_symmetry.space_group_name_H-M   'P 21 21 2'
#
loop_
_entity.id
_entity.type
_entity.pdbx_description
1 polymer 'archaeal nuclease RecJ2'
2 non-polymer '[5-(6-aminopurin-9-yl)-2-(hydroxymethyl)furan-3-yl] [5-(6-aminopurin-9-yl)-3-oxidanyl-furan-2-yl]methyl hydrogen phosphate'
3 non-polymer GLYCEROL
4 non-polymer 1,2-ETHANEDIOL
5 water water
#
_entity_poly.entity_id   1
_entity_poly.type   'polypeptide(L)'
_entity_poly.pdbx_seq_one_letter_code
;AHMMEKLKEIEKVTKAIKEKILNHYGYIRVITHHDTDGLSSGGILAKMLMRTNKLFHLTVVEHLSKEVIEKLAKENEVNK
PLFIFAAMGSGQIEEIIKHNFNAIILDHHPPVIKDSFINENIIQLNPHIFGVDGSREITASGVCYLVAREFGYYDLSVLA
IVGIIGDMQYNPLLGLNKFIVNEAREYRYVKIMNDIVYNIYDVEIYKAIAYCTKPYIPDLASEGKAFKFLKDIGIDPNKK
QLDDTDKKKLLSAIIFKYPKIENLLIDRYLIEHKVRDAFLLSEMLNAVGRNGLFAVGIGICLEDDECIKIGNQILWEYKK
NLINELKSVKLKKLNNIYYFEGKKGMIGIIASILVDDKPVIGYHIEGDIAKFSARGNRDLVNRGLNLSVAMAVAKEFGGN
GGGHDVASGAVVSKDKVQEFLKRVDEIIGEQLRR
;
_entity_poly.pdbx_strand_id   A,B
#
# COMPACT_ATOMS: atom_id res chain seq x y z
N HIS A 2 5.86 21.79 -30.79
CA HIS A 2 6.86 21.36 -29.77
C HIS A 2 6.10 20.88 -28.54
N MET A 3 6.64 19.84 -27.88
CA MET A 3 5.94 19.15 -26.81
C MET A 3 5.97 19.99 -25.53
N MET A 4 7.06 20.76 -25.33
CA MET A 4 7.22 21.58 -24.14
C MET A 4 6.12 22.64 -24.02
N GLU A 5 5.59 23.08 -25.16
CA GLU A 5 4.49 24.04 -25.19
C GLU A 5 3.17 23.35 -24.82
N LYS A 6 2.99 22.13 -25.34
CA LYS A 6 1.80 21.33 -25.08
C LYS A 6 1.75 21.03 -23.57
N LEU A 7 2.93 20.84 -22.98
CA LEU A 7 3.09 20.46 -21.58
C LEU A 7 2.73 21.64 -20.69
N LYS A 8 3.04 22.85 -21.12
CA LYS A 8 2.62 24.04 -20.38
C LYS A 8 1.10 24.11 -20.35
N GLU A 9 0.41 23.65 -21.41
CA GLU A 9 -1.05 23.69 -21.47
C GLU A 9 -1.66 22.56 -20.65
N ILE A 10 -1.00 21.40 -20.66
CA ILE A 10 -1.45 20.26 -19.88
C ILE A 10 -1.31 20.59 -18.39
N GLU A 11 -0.26 21.32 -18.03
CA GLU A 11 0.04 21.64 -16.65
C GLU A 11 -1.09 22.47 -16.03
N LYS A 12 -1.94 23.09 -16.86
CA LYS A 12 -3.09 23.79 -16.32
C LYS A 12 -4.11 22.78 -15.81
N VAL A 13 -4.22 21.62 -16.47
CA VAL A 13 -5.18 20.62 -16.06
C VAL A 13 -4.65 19.83 -14.85
N THR A 14 -3.35 19.48 -14.89
CA THR A 14 -2.71 18.71 -13.83
C THR A 14 -2.67 19.50 -12.53
N LYS A 15 -2.47 20.83 -12.60
CA LYS A 15 -2.55 21.68 -11.41
C LYS A 15 -3.97 21.66 -10.86
N ALA A 16 -4.98 21.71 -11.73
CA ALA A 16 -6.36 21.66 -11.25
C ALA A 16 -6.73 20.29 -10.67
N ILE A 17 -6.19 19.21 -11.24
CA ILE A 17 -6.45 17.89 -10.69
C ILE A 17 -5.85 17.77 -9.26
N LYS A 18 -4.65 18.33 -9.09
CA LYS A 18 -3.93 18.35 -7.84
C LYS A 18 -4.81 18.97 -6.78
N GLU A 19 -5.38 20.12 -7.13
CA GLU A 19 -6.19 20.85 -6.18
C GLU A 19 -7.48 20.09 -5.88
N LYS A 20 -8.08 19.48 -6.92
CA LYS A 20 -9.32 18.76 -6.69
C LYS A 20 -9.08 17.58 -5.73
N ILE A 21 -7.96 16.89 -5.92
CA ILE A 21 -7.59 15.78 -5.05
C ILE A 21 -7.31 16.31 -3.64
N LEU A 22 -6.40 17.29 -3.50
CA LEU A 22 -6.03 17.78 -2.18
C LEU A 22 -7.25 18.22 -1.38
N ASN A 23 -8.27 18.80 -2.04
CA ASN A 23 -9.37 19.43 -1.32
C ASN A 23 -10.50 18.43 -1.07
N HIS A 24 -10.34 17.17 -1.49
CA HIS A 24 -11.40 16.21 -1.28
C HIS A 24 -11.16 15.39 -0.01
N TYR A 25 -12.17 15.26 0.88
CA TYR A 25 -11.94 14.56 2.13
C TYR A 25 -12.84 13.33 2.32
N GLY A 26 -13.72 13.03 1.37
CA GLY A 26 -14.49 11.79 1.42
C GLY A 26 -13.71 10.62 0.81
N TYR A 27 -14.45 9.56 0.46
CA TYR A 27 -13.92 8.39 -0.23
C TYR A 27 -13.31 8.76 -1.58
N ILE A 28 -12.24 8.02 -1.95
CA ILE A 28 -11.63 8.08 -3.28
C ILE A 28 -11.66 6.69 -3.91
N ARG A 29 -12.22 6.63 -5.13
CA ARG A 29 -12.30 5.38 -5.85
C ARG A 29 -11.42 5.51 -7.07
N VAL A 30 -10.51 4.54 -7.26
CA VAL A 30 -9.57 4.49 -8.36
C VAL A 30 -9.99 3.32 -9.22
N ILE A 31 -10.28 3.60 -10.51
CA ILE A 31 -10.66 2.54 -11.43
C ILE A 31 -9.62 2.47 -12.54
N THR A 32 -8.98 1.29 -12.71
CA THR A 32 -8.03 1.04 -13.80
CA THR A 32 -8.05 1.06 -13.81
C THR A 32 -8.35 -0.27 -14.50
N HIS A 33 -7.62 -0.48 -15.60
CA HIS A 33 -7.65 -1.67 -16.42
CA HIS A 33 -7.67 -1.69 -16.40
C HIS A 33 -6.58 -2.62 -15.90
N HIS A 34 -6.60 -3.88 -16.41
CA HIS A 34 -5.77 -4.98 -15.99
C HIS A 34 -4.55 -5.20 -16.90
N ASP A 35 -4.36 -4.31 -17.90
CA ASP A 35 -3.22 -4.39 -18.80
C ASP A 35 -2.01 -3.80 -18.07
N THR A 36 -0.80 -4.02 -18.62
CA THR A 36 0.40 -3.48 -18.02
C THR A 36 0.23 -2.01 -17.67
N ASP A 37 -0.20 -1.21 -18.66
CA ASP A 37 -0.33 0.24 -18.51
C ASP A 37 -1.35 0.63 -17.44
N GLY A 38 -2.44 -0.15 -17.35
CA GLY A 38 -3.49 0.03 -16.37
C GLY A 38 -3.02 -0.28 -14.95
N LEU A 39 -2.29 -1.39 -14.79
CA LEU A 39 -1.77 -1.77 -13.51
C LEU A 39 -0.70 -0.77 -13.05
N SER A 40 0.21 -0.34 -13.95
CA SER A 40 1.22 0.68 -13.68
C SER A 40 0.57 1.99 -13.26
N SER A 41 -0.49 2.42 -13.96
CA SER A 41 -1.28 3.58 -13.58
C SER A 41 -1.78 3.47 -12.14
N GLY A 42 -2.39 2.32 -11.81
CA GLY A 42 -2.86 2.00 -10.47
C GLY A 42 -1.76 2.17 -9.41
N GLY A 43 -0.58 1.65 -9.71
CA GLY A 43 0.57 1.83 -8.84
C GLY A 43 0.96 3.30 -8.64
N ILE A 44 1.03 4.06 -9.73
CA ILE A 44 1.39 5.47 -9.64
C ILE A 44 0.37 6.17 -8.76
N LEU A 45 -0.92 5.92 -9.03
CA LEU A 45 -1.97 6.60 -8.29
C LEU A 45 -2.00 6.16 -6.82
N ALA A 46 -1.81 4.85 -6.55
CA ALA A 46 -1.77 4.37 -5.19
C ALA A 46 -0.68 5.10 -4.41
N LYS A 47 0.52 5.21 -5.01
CA LYS A 47 1.61 5.86 -4.30
C LYS A 47 1.31 7.32 -4.10
N MET A 48 0.87 7.99 -5.16
CA MET A 48 0.62 9.41 -5.12
C MET A 48 -0.41 9.71 -4.03
N LEU A 49 -1.48 8.90 -3.94
CA LEU A 49 -2.57 9.19 -3.03
C LEU A 49 -2.14 8.95 -1.58
N MET A 50 -1.39 7.87 -1.33
CA MET A 50 -0.92 7.60 0.01
C MET A 50 -0.03 8.73 0.51
N ARG A 51 0.84 9.23 -0.36
CA ARG A 51 1.79 10.28 -0.04
C ARG A 51 1.09 11.61 0.22
N THR A 52 -0.12 11.81 -0.37
CA THR A 52 -0.92 12.99 -0.12
C THR A 52 -2.00 12.79 0.97
N ASN A 53 -1.83 11.73 1.75
CA ASN A 53 -2.66 11.40 2.89
C ASN A 53 -4.09 11.03 2.48
N LYS A 54 -4.25 10.35 1.35
CA LYS A 54 -5.59 9.96 0.91
C LYS A 54 -5.73 8.44 0.99
N LEU A 55 -6.71 7.98 1.77
CA LEU A 55 -7.21 6.60 1.69
C LEU A 55 -8.10 6.46 0.46
N PHE A 56 -8.05 5.27 -0.15
CA PHE A 56 -8.69 5.03 -1.42
C PHE A 56 -9.04 3.56 -1.55
N HIS A 57 -9.98 3.32 -2.46
CA HIS A 57 -10.44 2.00 -2.84
C HIS A 57 -10.20 1.86 -4.34
N LEU A 58 -9.28 0.97 -4.67
CA LEU A 58 -8.92 0.73 -6.05
C LEU A 58 -9.66 -0.52 -6.53
N THR A 59 -10.27 -0.41 -7.72
CA THR A 59 -10.94 -1.51 -8.39
C THR A 59 -10.29 -1.60 -9.77
N VAL A 60 -10.03 -2.83 -10.19
CA VAL A 60 -9.54 -3.07 -11.53
C VAL A 60 -10.64 -3.76 -12.30
N VAL A 61 -10.96 -3.23 -13.50
CA VAL A 61 -11.98 -3.81 -14.35
C VAL A 61 -11.35 -4.12 -15.71
N GLU A 62 -11.88 -5.17 -16.33
CA GLU A 62 -11.46 -5.61 -17.65
C GLU A 62 -11.98 -4.63 -18.71
N HIS A 63 -13.15 -4.00 -18.46
CA HIS A 63 -13.67 -3.02 -19.41
C HIS A 63 -14.71 -2.12 -18.73
N LEU A 64 -14.71 -0.83 -19.06
CA LEU A 64 -15.66 0.10 -18.45
C LEU A 64 -16.96 0.09 -19.25
N SER A 65 -17.74 -0.93 -19.01
CA SER A 65 -19.03 -1.11 -19.66
C SER A 65 -20.10 -0.23 -19.00
N LYS A 66 -21.19 -0.01 -19.74
CA LYS A 66 -22.42 0.56 -19.19
C LYS A 66 -22.78 -0.07 -17.85
N GLU A 67 -22.76 -1.41 -17.79
CA GLU A 67 -23.18 -2.13 -16.60
C GLU A 67 -22.27 -1.78 -15.41
N VAL A 68 -20.97 -1.67 -15.67
CA VAL A 68 -20.00 -1.35 -14.62
C VAL A 68 -20.23 0.07 -14.14
N ILE A 69 -20.44 1.00 -15.08
CA ILE A 69 -20.72 2.38 -14.73
C ILE A 69 -21.97 2.47 -13.83
N GLU A 70 -23.00 1.68 -14.16
CA GLU A 70 -24.25 1.67 -13.40
C GLU A 70 -24.01 1.12 -12.00
N LYS A 71 -23.19 0.09 -11.88
CA LYS A 71 -22.92 -0.48 -10.57
C LYS A 71 -22.10 0.52 -9.74
N LEU A 72 -21.09 1.16 -10.33
CA LEU A 72 -20.31 2.18 -9.64
C LEU A 72 -21.20 3.34 -9.18
N ALA A 73 -22.14 3.72 -10.06
CA ALA A 73 -23.06 4.82 -9.78
C ALA A 73 -23.86 4.57 -8.51
N LYS A 74 -24.19 3.30 -8.16
CA LYS A 74 -24.98 3.07 -6.95
C LYS A 74 -24.22 3.50 -5.67
N GLU A 75 -22.88 3.65 -5.76
CA GLU A 75 -22.05 4.07 -4.65
C GLU A 75 -22.20 5.57 -4.39
N ASN A 76 -22.73 6.32 -5.36
CA ASN A 76 -22.96 7.75 -5.23
C ASN A 76 -24.15 8.07 -4.31
N GLU A 77 -25.09 7.13 -4.14
CA GLU A 77 -26.27 7.36 -3.33
C GLU A 77 -25.83 7.72 -1.91
N VAL A 78 -25.00 6.84 -1.34
CA VAL A 78 -24.65 6.81 0.08
C VAL A 78 -23.71 7.97 0.41
N ASN A 79 -22.40 7.79 0.20
CA ASN A 79 -21.41 8.86 0.35
C ASN A 79 -20.64 8.96 -0.95
N LYS A 80 -20.84 10.07 -1.68
CA LYS A 80 -20.35 10.27 -3.04
C LYS A 80 -18.82 10.36 -3.09
N PRO A 81 -18.15 9.29 -3.55
CA PRO A 81 -16.70 9.34 -3.75
C PRO A 81 -16.30 10.31 -4.84
N LEU A 82 -15.05 10.79 -4.74
CA LEU A 82 -14.30 11.23 -5.90
C LEU A 82 -13.76 10.00 -6.64
N PHE A 83 -14.12 9.89 -7.93
CA PHE A 83 -13.68 8.81 -8.81
C PHE A 83 -12.48 9.28 -9.63
N ILE A 84 -11.44 8.43 -9.69
CA ILE A 84 -10.34 8.59 -10.61
C ILE A 84 -10.28 7.41 -11.57
N PHE A 85 -10.54 7.70 -12.85
CA PHE A 85 -10.52 6.73 -13.92
C PHE A 85 -9.18 6.80 -14.65
N ALA A 86 -8.47 5.66 -14.74
CA ALA A 86 -7.22 5.60 -15.47
C ALA A 86 -7.37 4.67 -16.67
N ALA A 87 -6.86 5.13 -17.82
CA ALA A 87 -6.91 4.42 -19.09
C ALA A 87 -8.34 4.20 -19.57
N MET A 88 -9.28 5.01 -19.10
CA MET A 88 -10.68 4.82 -19.44
C MET A 88 -11.45 6.05 -18.98
N GLY A 89 -12.70 6.13 -19.47
CA GLY A 89 -13.63 7.19 -19.12
C GLY A 89 -13.91 8.20 -20.25
N SER A 90 -12.94 8.45 -21.13
CA SER A 90 -13.15 9.44 -22.20
C SER A 90 -14.23 8.95 -23.18
N GLY A 91 -14.21 7.65 -23.51
CA GLY A 91 -15.18 7.09 -24.45
C GLY A 91 -16.56 6.96 -23.84
N GLN A 92 -16.60 6.81 -22.51
CA GLN A 92 -17.80 6.57 -21.75
C GLN A 92 -18.29 7.85 -21.07
N ILE A 93 -17.77 9.02 -21.50
CA ILE A 93 -17.95 10.27 -20.80
C ILE A 93 -19.43 10.60 -20.65
N GLU A 94 -20.25 10.21 -21.63
CA GLU A 94 -21.65 10.63 -21.63
C GLU A 94 -22.40 9.90 -20.51
N GLU A 95 -22.05 8.63 -20.26
CA GLU A 95 -22.63 7.88 -19.16
C GLU A 95 -22.19 8.44 -17.81
N ILE A 96 -20.97 9.02 -17.77
CA ILE A 96 -20.38 9.55 -16.54
C ILE A 96 -21.02 10.93 -16.24
N ILE A 97 -21.23 11.74 -17.26
CA ILE A 97 -21.97 12.99 -17.11
C ILE A 97 -23.39 12.66 -16.61
N LYS A 98 -24.02 11.67 -17.26
CA LYS A 98 -25.40 11.28 -16.97
C LYS A 98 -25.60 10.89 -15.50
N HIS A 99 -24.65 10.13 -14.93
CA HIS A 99 -24.77 9.69 -13.54
C HIS A 99 -24.20 10.73 -12.57
N ASN A 100 -23.65 11.82 -13.11
CA ASN A 100 -23.18 12.96 -12.35
C ASN A 100 -22.07 12.57 -11.37
N PHE A 101 -21.10 11.78 -11.82
CA PHE A 101 -19.98 11.45 -10.94
C PHE A 101 -19.16 12.70 -10.66
N ASN A 102 -18.62 12.78 -9.44
CA ASN A 102 -17.46 13.62 -9.18
C ASN A 102 -16.24 12.83 -9.66
N ALA A 103 -15.62 13.24 -10.74
CA ALA A 103 -14.69 12.37 -11.45
C ALA A 103 -13.50 13.12 -12.01
N ILE A 104 -12.36 12.42 -12.02
CA ILE A 104 -11.17 12.80 -12.76
C ILE A 104 -10.88 11.66 -13.73
N ILE A 105 -10.71 12.02 -15.01
CA ILE A 105 -10.48 11.04 -16.07
C ILE A 105 -9.08 11.24 -16.64
N LEU A 106 -8.32 10.16 -16.60
CA LEU A 106 -6.94 10.17 -17.07
C LEU A 106 -6.83 9.10 -18.14
N ASP A 107 -6.92 9.52 -19.40
CA ASP A 107 -7.21 8.58 -20.46
C ASP A 107 -6.53 9.06 -21.72
N HIS A 108 -5.90 8.13 -22.42
CA HIS A 108 -5.20 8.45 -23.65
C HIS A 108 -5.92 7.92 -24.88
N HIS A 109 -7.09 7.29 -24.71
CA HIS A 109 -7.91 6.86 -25.83
C HIS A 109 -8.60 8.08 -26.47
N PRO A 110 -8.95 8.03 -27.78
CA PRO A 110 -9.56 9.17 -28.46
C PRO A 110 -10.78 9.68 -27.70
N PRO A 111 -10.83 11.00 -27.41
CA PRO A 111 -11.90 11.58 -26.60
C PRO A 111 -13.18 11.78 -27.40
N VAL A 112 -14.32 11.81 -26.71
CA VAL A 112 -15.62 12.03 -27.30
C VAL A 112 -15.97 13.51 -27.17
N ILE A 113 -15.74 14.05 -25.97
CA ILE A 113 -15.91 15.48 -25.73
C ILE A 113 -14.52 16.06 -25.56
N LYS A 114 -14.14 17.04 -26.40
CA LYS A 114 -12.76 17.52 -26.42
C LYS A 114 -12.59 18.71 -25.49
N ASP A 115 -13.19 18.62 -24.30
CA ASP A 115 -13.07 19.61 -23.23
C ASP A 115 -12.29 19.01 -22.06
N SER A 116 -11.44 19.83 -21.43
CA SER A 116 -10.74 19.46 -20.21
C SER A 116 -11.65 19.58 -19.00
N PHE A 117 -12.40 20.67 -18.91
CA PHE A 117 -13.26 20.90 -17.75
C PHE A 117 -14.68 20.67 -18.22
N ILE A 118 -15.24 19.49 -17.90
CA ILE A 118 -16.47 19.07 -18.52
C ILE A 118 -17.63 19.77 -17.82
N ASN A 119 -17.75 19.72 -16.50
CA ASN A 119 -18.82 20.52 -15.93
C ASN A 119 -18.26 21.22 -14.71
N GLU A 120 -18.92 21.08 -13.56
CA GLU A 120 -18.34 21.50 -12.29
C GLU A 120 -17.71 20.28 -11.59
N ASN A 121 -18.18 19.10 -11.97
CA ASN A 121 -17.89 17.86 -11.28
C ASN A 121 -16.75 17.06 -11.91
N ILE A 122 -16.43 17.31 -13.19
CA ILE A 122 -15.62 16.39 -13.98
C ILE A 122 -14.48 17.18 -14.61
N ILE A 123 -13.25 16.67 -14.42
CA ILE A 123 -12.07 17.05 -15.17
C ILE A 123 -11.58 15.85 -15.98
N GLN A 124 -11.27 16.10 -17.27
CA GLN A 124 -10.74 15.11 -18.21
C GLN A 124 -9.36 15.59 -18.63
N LEU A 125 -8.35 14.79 -18.32
CA LEU A 125 -7.03 14.99 -18.89
C LEU A 125 -6.80 13.94 -19.97
N ASN A 126 -6.85 14.40 -21.24
CA ASN A 126 -6.73 13.52 -22.39
C ASN A 126 -5.73 14.17 -23.34
N PRO A 127 -4.56 13.55 -23.60
CA PRO A 127 -3.53 14.19 -24.43
C PRO A 127 -4.03 14.57 -25.84
N HIS A 128 -5.02 13.83 -26.38
CA HIS A 128 -5.51 14.09 -27.72
C HIS A 128 -6.06 15.51 -27.77
N ILE A 129 -6.70 15.94 -26.68
CA ILE A 129 -7.23 17.30 -26.56
C ILE A 129 -6.15 18.35 -26.83
N PHE A 130 -4.86 18.05 -26.59
CA PHE A 130 -3.78 18.99 -26.81
C PHE A 130 -2.95 18.60 -28.04
N GLY A 131 -3.48 17.70 -28.86
CA GLY A 131 -2.80 17.28 -30.07
C GLY A 131 -1.65 16.33 -29.78
N VAL A 132 -1.69 15.61 -28.66
CA VAL A 132 -0.68 14.57 -28.41
C VAL A 132 -1.31 13.20 -28.73
N ASP A 133 -0.59 12.35 -29.48
CA ASP A 133 -1.17 11.10 -29.97
C ASP A 133 -1.09 10.03 -28.87
N GLY A 134 -2.24 9.71 -28.28
CA GLY A 134 -2.41 8.62 -27.32
C GLY A 134 -1.96 7.23 -27.80
N SER A 135 -1.70 7.05 -29.10
CA SER A 135 -1.19 5.78 -29.62
C SER A 135 0.33 5.76 -29.74
N ARG A 136 1.02 6.90 -29.61
CA ARG A 136 2.43 6.92 -29.93
C ARG A 136 3.27 7.78 -29.00
N GLU A 137 2.66 8.76 -28.31
CA GLU A 137 3.40 9.82 -27.63
C GLU A 137 3.14 9.85 -26.12
N ILE A 138 2.16 9.07 -25.64
CA ILE A 138 1.92 8.97 -24.21
C ILE A 138 0.93 7.85 -23.94
N THR A 139 1.06 7.26 -22.72
CA THR A 139 0.21 6.19 -22.23
C THR A 139 -0.59 6.68 -21.03
N ALA A 140 -1.51 5.85 -20.55
CA ALA A 140 -2.27 6.21 -19.36
C ALA A 140 -1.35 6.36 -18.15
N SER A 141 -0.31 5.52 -18.04
CA SER A 141 0.62 5.64 -16.93
CA SER A 141 0.64 5.63 -16.94
C SER A 141 1.34 6.99 -17.00
N GLY A 142 1.66 7.44 -18.21
CA GLY A 142 2.31 8.72 -18.39
C GLY A 142 1.39 9.89 -18.06
N VAL A 143 0.09 9.74 -18.33
CA VAL A 143 -0.88 10.76 -17.90
C VAL A 143 -0.91 10.80 -16.37
N CYS A 144 -1.02 9.62 -15.73
CA CYS A 144 -0.97 9.55 -14.28
C CYS A 144 0.30 10.20 -13.73
N TYR A 145 1.43 9.94 -14.36
CA TYR A 145 2.69 10.48 -13.91
C TYR A 145 2.69 12.01 -14.01
N LEU A 146 2.06 12.57 -15.06
CA LEU A 146 2.02 14.02 -15.22
C LEU A 146 1.29 14.65 -14.03
N VAL A 147 0.29 13.95 -13.50
CA VAL A 147 -0.36 14.46 -12.30
C VAL A 147 0.61 14.35 -11.10
N ALA A 148 1.21 13.16 -10.93
CA ALA A 148 2.11 12.86 -9.83
C ALA A 148 3.27 13.87 -9.74
N ARG A 149 3.78 14.29 -10.90
CA ARG A 149 4.95 15.17 -10.87
C ARG A 149 4.59 16.58 -10.39
N GLU A 150 3.29 16.88 -10.30
CA GLU A 150 2.85 18.10 -9.64
C GLU A 150 3.19 18.10 -8.15
N PHE A 151 3.38 16.91 -7.56
CA PHE A 151 3.72 16.80 -6.15
C PHE A 151 5.22 16.61 -5.98
N GLY A 152 5.94 16.56 -7.10
CA GLY A 152 7.37 16.28 -7.13
C GLY A 152 7.71 14.79 -6.97
N TYR A 153 6.78 13.89 -7.31
CA TYR A 153 7.02 12.45 -7.22
C TYR A 153 7.66 11.86 -8.47
N TYR A 154 8.95 12.22 -8.67
CA TYR A 154 9.72 11.89 -9.85
C TYR A 154 10.08 10.41 -9.89
N ASP A 155 10.15 9.83 -8.70
CA ASP A 155 10.52 8.43 -8.56
C ASP A 155 9.46 7.55 -9.26
N LEU A 156 8.26 8.07 -9.45
CA LEU A 156 7.14 7.31 -10.00
C LEU A 156 7.27 7.23 -11.53
N SER A 157 8.27 7.93 -12.06
CA SER A 157 8.57 7.88 -13.47
C SER A 157 8.86 6.44 -13.91
N VAL A 158 9.34 5.58 -13.00
CA VAL A 158 9.71 4.25 -13.43
C VAL A 158 8.45 3.48 -13.80
N LEU A 159 7.34 3.76 -13.13
CA LEU A 159 6.10 3.08 -13.47
C LEU A 159 5.57 3.58 -14.82
N ALA A 160 5.86 4.83 -15.18
CA ALA A 160 5.40 5.35 -16.46
C ALA A 160 6.16 4.65 -17.60
N ILE A 161 7.46 4.41 -17.36
CA ILE A 161 8.30 3.73 -18.30
C ILE A 161 7.79 2.30 -18.55
N VAL A 162 7.42 1.58 -17.48
CA VAL A 162 6.79 0.28 -17.63
C VAL A 162 5.54 0.37 -18.53
N GLY A 163 4.70 1.38 -18.33
CA GLY A 163 3.52 1.62 -19.14
C GLY A 163 3.84 1.91 -20.62
N ILE A 164 4.88 2.69 -20.89
CA ILE A 164 5.36 2.96 -22.25
C ILE A 164 5.72 1.65 -22.96
N ILE A 165 6.44 0.79 -22.24
CA ILE A 165 6.81 -0.49 -22.80
C ILE A 165 5.54 -1.32 -22.99
N GLY A 166 4.71 -1.44 -21.97
CA GLY A 166 3.53 -2.31 -22.04
C GLY A 166 2.57 -1.92 -23.17
N ASP A 167 2.55 -0.64 -23.53
CA ASP A 167 1.67 -0.12 -24.55
C ASP A 167 2.37 -0.01 -25.91
N MET A 168 3.57 -0.58 -26.05
CA MET A 168 4.30 -0.58 -27.32
C MET A 168 4.57 0.83 -27.84
N GLN A 169 5.02 1.76 -26.98
CA GLN A 169 5.32 3.13 -27.41
C GLN A 169 6.79 3.46 -27.16
N TYR A 170 7.63 2.41 -27.08
CA TYR A 170 9.05 2.60 -26.76
C TYR A 170 9.96 2.73 -27.98
N ASN A 171 9.51 2.30 -29.19
CA ASN A 171 10.34 2.40 -30.38
C ASN A 171 9.47 2.75 -31.58
N PRO A 172 9.50 4.03 -32.05
CA PRO A 172 10.34 5.08 -31.49
C PRO A 172 9.74 5.70 -30.22
N LEU A 173 10.63 6.22 -29.36
CA LEU A 173 10.29 7.00 -28.19
C LEU A 173 10.05 8.47 -28.56
N LEU A 174 8.81 8.94 -28.43
CA LEU A 174 8.38 10.22 -28.96
C LEU A 174 7.67 11.02 -27.87
N GLY A 175 7.56 12.33 -28.10
CA GLY A 175 6.64 13.19 -27.38
C GLY A 175 6.91 13.26 -25.88
N LEU A 176 5.79 13.18 -25.13
CA LEU A 176 5.80 13.21 -23.68
C LEU A 176 6.47 11.96 -23.10
N ASN A 177 6.47 10.85 -23.84
CA ASN A 177 7.15 9.64 -23.40
C ASN A 177 8.65 9.91 -23.33
N LYS A 178 9.15 10.68 -24.31
CA LYS A 178 10.56 11.02 -24.40
C LYS A 178 10.92 11.96 -23.25
N PHE A 179 10.07 12.96 -23.01
CA PHE A 179 10.22 13.84 -21.86
C PHE A 179 10.27 13.02 -20.54
N ILE A 180 9.35 12.06 -20.35
CA ILE A 180 9.27 11.31 -19.09
C ILE A 180 10.57 10.53 -18.88
N VAL A 181 11.03 9.87 -19.94
CA VAL A 181 12.22 9.06 -19.85
C VAL A 181 13.44 9.93 -19.48
N ASN A 182 13.48 11.11 -20.10
CA ASN A 182 14.60 12.01 -19.92
C ASN A 182 14.59 12.56 -18.50
N GLU A 183 13.39 12.84 -17.97
CA GLU A 183 13.23 13.27 -16.59
C GLU A 183 13.68 12.15 -15.64
N ALA A 184 13.32 10.90 -15.92
CA ALA A 184 13.74 9.79 -15.08
C ALA A 184 15.26 9.65 -15.11
N ARG A 185 15.86 9.88 -16.29
CA ARG A 185 17.29 9.71 -16.45
C ARG A 185 18.01 10.80 -15.65
N GLU A 186 17.52 12.03 -15.76
CA GLU A 186 18.05 13.20 -15.08
C GLU A 186 18.02 13.01 -13.57
N TYR A 187 16.96 12.39 -13.04
CA TYR A 187 16.81 12.24 -11.61
C TYR A 187 17.39 10.91 -11.16
N ARG A 188 18.05 10.19 -12.08
CA ARG A 188 18.74 8.94 -11.84
C ARG A 188 17.78 7.85 -11.36
N TYR A 189 16.54 7.84 -11.90
CA TYR A 189 15.66 6.72 -11.67
C TYR A 189 15.74 5.65 -12.76
N VAL A 190 16.49 5.91 -13.83
CA VAL A 190 16.66 4.95 -14.91
C VAL A 190 18.03 5.15 -15.54
N LYS A 191 18.62 4.02 -15.93
CA LYS A 191 19.77 3.94 -16.82
C LYS A 191 19.31 3.21 -18.09
N ILE A 192 19.80 3.67 -19.25
CA ILE A 192 19.48 3.09 -20.55
C ILE A 192 20.72 2.40 -21.11
N MET A 193 20.54 1.18 -21.64
CA MET A 193 21.66 0.35 -22.04
C MET A 193 21.24 -0.51 -23.23
N ASN A 194 21.91 -0.35 -24.39
CA ASN A 194 21.58 -1.16 -25.54
C ASN A 194 22.05 -2.58 -25.26
N ASP A 195 21.24 -3.59 -25.57
CA ASP A 195 21.58 -4.97 -25.26
C ASP A 195 20.69 -5.90 -26.07
N ILE A 196 21.04 -7.18 -26.08
CA ILE A 196 20.19 -8.17 -26.70
C ILE A 196 18.99 -8.46 -25.79
N VAL A 197 17.84 -8.70 -26.44
CA VAL A 197 16.59 -8.89 -25.72
C VAL A 197 16.69 -10.04 -24.70
N TYR A 198 17.42 -11.10 -25.02
CA TYR A 198 17.38 -12.30 -24.20
C TYR A 198 18.03 -12.05 -22.84
N ASN A 199 18.85 -11.00 -22.74
CA ASN A 199 19.51 -10.71 -21.49
C ASN A 199 18.57 -10.12 -20.45
N ILE A 200 17.32 -9.78 -20.79
CA ILE A 200 16.48 -9.13 -19.80
C ILE A 200 15.96 -10.16 -18.81
N TYR A 201 15.97 -11.47 -19.16
CA TYR A 201 15.15 -12.45 -18.45
C TYR A 201 15.89 -12.95 -17.21
N ASP A 202 17.23 -12.86 -17.23
CA ASP A 202 18.07 -13.39 -16.17
C ASP A 202 17.72 -14.86 -15.93
N VAL A 203 17.53 -15.62 -17.01
CA VAL A 203 17.39 -17.07 -16.96
C VAL A 203 18.34 -17.71 -17.98
N GLU A 204 18.45 -19.05 -17.93
CA GLU A 204 19.25 -19.73 -18.93
C GLU A 204 18.80 -19.30 -20.32
N ILE A 205 19.76 -19.05 -21.19
CA ILE A 205 19.48 -18.38 -22.46
C ILE A 205 18.60 -19.24 -23.34
N TYR A 206 18.79 -20.57 -23.30
CA TYR A 206 17.95 -21.43 -24.11
C TYR A 206 16.47 -21.24 -23.74
N LYS A 207 16.17 -20.98 -22.47
CA LYS A 207 14.81 -20.70 -22.04
C LYS A 207 14.38 -19.29 -22.44
N ALA A 208 15.30 -18.33 -22.29
CA ALA A 208 15.05 -16.98 -22.77
C ALA A 208 14.62 -17.01 -24.23
N ILE A 209 15.33 -17.81 -25.03
CA ILE A 209 15.03 -17.90 -26.45
C ILE A 209 13.73 -18.66 -26.68
N ALA A 210 13.58 -19.80 -26.00
CA ALA A 210 12.45 -20.69 -26.26
C ALA A 210 11.11 -19.95 -26.08
N TYR A 211 11.07 -18.98 -25.14
CA TYR A 211 9.81 -18.42 -24.69
C TYR A 211 9.66 -16.97 -25.12
N CYS A 212 10.58 -16.49 -25.96
CA CYS A 212 10.58 -15.09 -26.38
C CYS A 212 9.55 -14.89 -27.47
N THR A 213 8.76 -13.83 -27.30
CA THR A 213 7.76 -13.48 -28.30
C THR A 213 8.05 -12.13 -28.91
N LYS A 214 9.25 -11.57 -28.70
CA LYS A 214 9.62 -10.30 -29.29
C LYS A 214 11.13 -10.26 -29.50
N PRO A 215 11.68 -10.88 -30.58
CA PRO A 215 10.88 -11.52 -31.62
C PRO A 215 10.47 -12.96 -31.31
N TYR A 216 9.35 -13.37 -31.91
CA TYR A 216 8.91 -14.76 -31.85
C TYR A 216 9.55 -15.47 -33.04
N ILE A 217 10.30 -16.54 -32.76
CA ILE A 217 10.98 -17.32 -33.77
C ILE A 217 10.48 -18.75 -33.61
N PRO A 218 9.40 -19.13 -34.34
CA PRO A 218 8.78 -20.45 -34.17
C PRO A 218 9.74 -21.64 -34.20
N ASP A 219 10.78 -21.56 -35.04
CA ASP A 219 11.76 -22.64 -35.15
C ASP A 219 12.57 -22.80 -33.86
N LEU A 220 12.69 -21.73 -33.06
CA LEU A 220 13.54 -21.77 -31.87
C LEU A 220 12.68 -21.80 -30.61
N ALA A 221 11.36 -21.91 -30.78
CA ALA A 221 10.41 -21.74 -29.69
C ALA A 221 10.21 -23.03 -28.93
N SER A 222 11.31 -23.65 -28.52
CA SER A 222 11.28 -24.77 -27.61
C SER A 222 12.64 -24.87 -26.93
N GLU A 223 12.63 -25.44 -25.72
CA GLU A 223 13.85 -25.55 -24.95
C GLU A 223 14.89 -26.37 -25.74
N GLY A 224 14.44 -27.48 -26.34
CA GLY A 224 15.36 -28.38 -27.02
C GLY A 224 15.96 -27.75 -28.27
N LYS A 225 15.13 -27.06 -29.05
CA LYS A 225 15.61 -26.48 -30.30
C LYS A 225 16.54 -25.30 -30.00
N ALA A 226 16.20 -24.47 -29.00
CA ALA A 226 17.07 -23.36 -28.63
C ALA A 226 18.38 -23.86 -28.04
N PHE A 227 18.33 -24.90 -27.19
CA PHE A 227 19.53 -25.43 -26.56
C PHE A 227 20.48 -25.91 -27.65
N LYS A 228 19.96 -26.70 -28.58
CA LYS A 228 20.77 -27.24 -29.68
C LYS A 228 21.35 -26.07 -30.49
N PHE A 229 20.52 -25.06 -30.80
CA PHE A 229 20.95 -23.91 -31.60
C PHE A 229 22.18 -23.24 -30.99
N LEU A 230 22.16 -23.07 -29.65
CA LEU A 230 23.23 -22.40 -28.94
C LEU A 230 24.47 -23.29 -28.87
N LYS A 231 24.27 -24.57 -28.53
CA LYS A 231 25.34 -25.56 -28.62
C LYS A 231 26.10 -25.45 -29.94
N ASP A 232 25.37 -25.44 -31.06
CA ASP A 232 25.96 -25.50 -32.40
C ASP A 232 26.89 -24.30 -32.68
N ILE A 233 26.64 -23.11 -32.10
CA ILE A 233 27.49 -21.96 -32.35
C ILE A 233 28.38 -21.67 -31.15
N GLY A 234 28.56 -22.65 -30.26
CA GLY A 234 29.56 -22.54 -29.22
C GLY A 234 29.23 -21.48 -28.16
N ILE A 235 27.94 -21.38 -27.82
CA ILE A 235 27.52 -20.65 -26.64
C ILE A 235 27.06 -21.66 -25.61
N ASP A 236 27.47 -21.46 -24.35
CA ASP A 236 27.00 -22.30 -23.25
C ASP A 236 25.54 -21.95 -22.99
N PRO A 237 24.58 -22.84 -23.37
CA PRO A 237 23.16 -22.51 -23.26
C PRO A 237 22.67 -22.33 -21.83
N ASN A 238 23.46 -22.80 -20.85
CA ASN A 238 23.06 -22.75 -19.45
C ASN A 238 23.40 -21.41 -18.81
N LYS A 239 24.19 -20.55 -19.46
CA LYS A 239 24.50 -19.28 -18.82
C LYS A 239 23.29 -18.33 -18.90
N LYS A 240 23.26 -17.36 -18.01
CA LYS A 240 22.09 -16.53 -17.82
C LYS A 240 22.25 -15.18 -18.51
N GLN A 241 23.48 -14.84 -18.93
CA GLN A 241 23.76 -13.60 -19.64
C GLN A 241 24.75 -13.85 -20.78
N LEU A 242 24.46 -13.27 -21.95
CA LEU A 242 25.37 -13.29 -23.08
C LEU A 242 26.27 -12.07 -23.02
N ASP A 243 27.59 -12.34 -23.08
CA ASP A 243 28.64 -11.33 -23.15
C ASP A 243 28.76 -10.86 -24.59
N ASP A 244 29.67 -9.89 -24.81
CA ASP A 244 29.90 -9.29 -26.11
C ASP A 244 30.09 -10.35 -27.22
N THR A 245 30.95 -11.33 -26.98
CA THR A 245 31.33 -12.32 -27.98
C THR A 245 30.14 -13.24 -28.29
N ASP A 246 29.48 -13.73 -27.23
CA ASP A 246 28.29 -14.57 -27.34
C ASP A 246 27.19 -13.86 -28.12
N LYS A 247 27.03 -12.55 -27.89
CA LYS A 247 26.02 -11.76 -28.57
C LYS A 247 26.32 -11.63 -30.06
N LYS A 248 27.57 -11.25 -30.40
CA LYS A 248 28.03 -11.20 -31.78
C LYS A 248 27.68 -12.50 -32.50
N LYS A 249 28.01 -13.66 -31.90
CA LYS A 249 27.77 -14.94 -32.52
C LYS A 249 26.28 -15.23 -32.63
N LEU A 250 25.48 -14.86 -31.61
CA LEU A 250 24.07 -15.22 -31.63
C LEU A 250 23.38 -14.37 -32.67
N LEU A 251 23.68 -13.08 -32.70
CA LEU A 251 23.06 -12.21 -33.67
C LEU A 251 23.39 -12.63 -35.10
N SER A 252 24.66 -12.95 -35.38
CA SER A 252 25.01 -13.25 -36.76
C SER A 252 24.34 -14.56 -37.17
N ALA A 253 24.24 -15.54 -36.26
CA ALA A 253 23.59 -16.81 -36.57
C ALA A 253 22.08 -16.67 -36.83
N ILE A 254 21.37 -15.93 -35.97
CA ILE A 254 19.93 -15.71 -36.16
C ILE A 254 19.67 -14.90 -37.42
N ILE A 255 20.46 -13.86 -37.69
CA ILE A 255 20.15 -12.98 -38.82
C ILE A 255 20.45 -13.69 -40.14
N PHE A 256 21.44 -14.59 -40.14
CA PHE A 256 21.71 -15.41 -41.31
C PHE A 256 20.49 -16.28 -41.62
N LYS A 257 20.06 -17.06 -40.63
CA LYS A 257 19.07 -18.09 -40.83
C LYS A 257 17.68 -17.46 -40.95
N TYR A 258 17.48 -16.28 -40.32
CA TYR A 258 16.18 -15.61 -40.28
C TYR A 258 16.36 -14.15 -40.63
N PRO A 259 16.66 -13.82 -41.92
CA PRO A 259 17.09 -12.47 -42.28
C PRO A 259 16.01 -11.40 -42.13
N LYS A 260 14.74 -11.80 -41.96
CA LYS A 260 13.65 -10.85 -41.76
C LYS A 260 13.56 -10.38 -40.31
N ILE A 261 14.22 -11.08 -39.37
CA ILE A 261 14.00 -10.83 -37.96
C ILE A 261 14.45 -9.41 -37.61
N GLU A 262 13.75 -8.83 -36.64
CA GLU A 262 14.02 -7.48 -36.21
C GLU A 262 13.95 -7.39 -34.68
N ASN A 263 14.63 -6.37 -34.15
CA ASN A 263 14.54 -5.96 -32.76
C ASN A 263 15.20 -6.98 -31.83
N LEU A 264 16.35 -7.54 -32.21
CA LEU A 264 17.09 -8.40 -31.32
C LEU A 264 17.82 -7.55 -30.30
N LEU A 265 18.32 -6.38 -30.75
CA LEU A 265 18.91 -5.39 -29.88
C LEU A 265 17.82 -4.40 -29.50
N ILE A 266 17.70 -4.15 -28.18
CA ILE A 266 16.78 -3.16 -27.68
C ILE A 266 17.50 -2.24 -26.71
N ASP A 267 16.91 -1.07 -26.50
CA ASP A 267 17.33 -0.14 -25.46
C ASP A 267 16.68 -0.55 -24.14
N ARG A 268 17.41 -1.30 -23.31
CA ARG A 268 16.96 -1.69 -21.99
C ARG A 268 16.88 -0.48 -21.06
N TYR A 269 15.84 -0.50 -20.22
CA TYR A 269 15.60 0.50 -19.18
C TYR A 269 15.77 -0.19 -17.83
N LEU A 270 16.81 0.23 -17.14
CA LEU A 270 17.11 -0.29 -15.81
C LEU A 270 16.64 0.74 -14.81
N ILE A 271 15.57 0.37 -14.10
CA ILE A 271 14.81 1.30 -13.29
C ILE A 271 15.12 1.06 -11.82
N GLU A 272 14.92 2.11 -11.03
CA GLU A 272 14.88 2.00 -9.58
C GLU A 272 13.58 1.32 -9.12
N HIS A 273 13.62 0.01 -9.12
CA HIS A 273 12.54 -0.84 -8.66
C HIS A 273 13.18 -2.18 -8.34
N LYS A 274 12.56 -2.95 -7.42
CA LYS A 274 13.06 -4.28 -7.12
C LYS A 274 13.09 -5.16 -8.38
N VAL A 275 12.17 -4.91 -9.32
CA VAL A 275 12.31 -5.54 -10.61
C VAL A 275 13.00 -4.51 -11.51
N ARG A 276 14.32 -4.65 -11.61
CA ARG A 276 15.16 -3.60 -12.14
C ARG A 276 14.98 -3.44 -13.66
N ASP A 277 14.65 -4.54 -14.35
CA ASP A 277 14.51 -4.46 -15.81
C ASP A 277 13.06 -4.13 -16.13
N ALA A 278 12.81 -2.94 -16.69
CA ALA A 278 11.46 -2.49 -16.95
C ALA A 278 10.74 -3.33 -18.02
N PHE A 279 11.50 -3.92 -18.97
CA PHE A 279 10.91 -4.82 -19.94
C PHE A 279 10.37 -6.07 -19.26
N LEU A 280 11.14 -6.62 -18.32
CA LEU A 280 10.68 -7.78 -17.57
C LEU A 280 9.48 -7.39 -16.71
N LEU A 281 9.53 -6.20 -16.09
CA LEU A 281 8.42 -5.83 -15.23
C LEU A 281 7.13 -5.71 -16.04
N SER A 282 7.26 -5.17 -17.26
CA SER A 282 6.14 -5.04 -18.16
C SER A 282 5.49 -6.39 -18.46
N GLU A 283 6.32 -7.41 -18.77
CA GLU A 283 5.83 -8.74 -19.08
C GLU A 283 5.18 -9.35 -17.84
N MET A 284 5.82 -9.12 -16.67
CA MET A 284 5.33 -9.67 -15.43
C MET A 284 3.91 -9.17 -15.16
N LEU A 285 3.74 -7.84 -15.25
CA LEU A 285 2.45 -7.22 -14.98
C LEU A 285 1.40 -7.71 -15.99
N ASN A 286 1.80 -7.87 -17.24
CA ASN A 286 0.88 -8.38 -18.23
C ASN A 286 0.37 -9.75 -17.81
N ALA A 287 1.31 -10.61 -17.40
CA ALA A 287 0.98 -11.99 -17.09
C ALA A 287 0.06 -12.06 -15.89
N VAL A 288 0.36 -11.27 -14.84
CA VAL A 288 -0.48 -11.35 -13.67
C VAL A 288 -1.86 -10.78 -13.99
N GLY A 289 -1.89 -9.69 -14.75
CA GLY A 289 -3.16 -9.08 -15.14
C GLY A 289 -4.03 -10.06 -15.95
N ARG A 290 -3.41 -10.78 -16.88
CA ARG A 290 -4.15 -11.76 -17.67
C ARG A 290 -4.59 -12.97 -16.84
N ASN A 291 -3.99 -13.20 -15.66
CA ASN A 291 -4.41 -14.27 -14.78
C ASN A 291 -5.45 -13.79 -13.76
N GLY A 292 -5.96 -12.56 -13.91
CA GLY A 292 -6.93 -12.03 -12.97
C GLY A 292 -6.31 -11.64 -11.61
N LEU A 293 -4.99 -11.53 -11.51
CA LEU A 293 -4.32 -11.28 -10.23
C LEU A 293 -4.03 -9.78 -10.09
N PHE A 294 -5.11 -9.01 -10.03
CA PHE A 294 -5.05 -7.57 -10.10
C PHE A 294 -4.35 -7.00 -8.87
N ALA A 295 -4.71 -7.47 -7.68
CA ALA A 295 -4.16 -6.93 -6.44
C ALA A 295 -2.69 -7.31 -6.31
N VAL A 296 -2.33 -8.48 -6.81
CA VAL A 296 -0.93 -8.88 -6.82
C VAL A 296 -0.13 -7.94 -7.74
N GLY A 297 -0.71 -7.62 -8.89
CA GLY A 297 -0.06 -6.68 -9.80
C GLY A 297 0.18 -5.32 -9.15
N ILE A 298 -0.80 -4.84 -8.39
CA ILE A 298 -0.61 -3.59 -7.67
C ILE A 298 0.50 -3.77 -6.64
N GLY A 299 0.53 -4.92 -5.95
CA GLY A 299 1.57 -5.21 -4.96
C GLY A 299 2.97 -5.19 -5.53
N ILE A 300 3.09 -5.69 -6.77
CA ILE A 300 4.33 -5.68 -7.49
C ILE A 300 4.78 -4.25 -7.74
N CYS A 301 3.86 -3.38 -8.15
CA CYS A 301 4.16 -1.97 -8.34
C CYS A 301 4.68 -1.33 -7.05
N LEU A 302 4.11 -1.73 -5.92
CA LEU A 302 4.46 -1.22 -4.61
C LEU A 302 5.62 -2.01 -4.01
N GLU A 303 6.25 -2.90 -4.80
CA GLU A 303 7.51 -3.54 -4.42
C GLU A 303 7.37 -4.47 -3.22
N ASP A 304 6.24 -5.19 -3.15
CA ASP A 304 6.07 -6.23 -2.14
C ASP A 304 6.79 -7.50 -2.60
N ASP A 305 7.64 -8.08 -1.75
CA ASP A 305 8.45 -9.23 -2.13
C ASP A 305 7.62 -10.47 -2.51
N GLU A 306 6.56 -10.78 -1.76
CA GLU A 306 5.72 -11.95 -2.05
C GLU A 306 4.94 -11.77 -3.36
N CYS A 307 4.37 -10.59 -3.60
CA CYS A 307 3.74 -10.30 -4.87
C CYS A 307 4.72 -10.46 -6.05
N ILE A 308 5.96 -9.98 -5.91
CA ILE A 308 6.98 -10.17 -6.92
C ILE A 308 7.32 -11.66 -7.11
N LYS A 309 7.37 -12.44 -6.05
CA LYS A 309 7.62 -13.87 -6.16
C LYS A 309 6.49 -14.55 -6.96
N ILE A 310 5.24 -14.24 -6.64
CA ILE A 310 4.09 -14.72 -7.41
C ILE A 310 4.19 -14.28 -8.88
N GLY A 311 4.52 -13.00 -9.10
CA GLY A 311 4.69 -12.43 -10.41
C GLY A 311 5.69 -13.24 -11.24
N ASN A 312 6.85 -13.59 -10.66
CA ASN A 312 7.84 -14.34 -11.43
C ASN A 312 7.27 -15.71 -11.81
N GLN A 313 6.61 -16.36 -10.84
CA GLN A 313 6.07 -17.68 -11.06
C GLN A 313 5.01 -17.64 -12.17
N ILE A 314 4.09 -16.70 -12.07
CA ILE A 314 3.01 -16.57 -13.03
C ILE A 314 3.55 -16.19 -14.41
N LEU A 315 4.59 -15.32 -14.44
CA LEU A 315 5.18 -14.87 -15.69
C LEU A 315 5.64 -16.08 -16.52
N TRP A 316 6.37 -17.00 -15.88
CA TRP A 316 6.94 -18.11 -16.63
C TRP A 316 5.87 -19.12 -17.07
N GLU A 317 4.84 -19.35 -16.25
CA GLU A 317 3.70 -20.19 -16.63
C GLU A 317 2.99 -19.58 -17.84
N TYR A 318 2.79 -18.27 -17.80
CA TYR A 318 2.10 -17.54 -18.87
C TYR A 318 2.90 -17.66 -20.17
N LYS A 319 4.20 -17.37 -20.12
CA LYS A 319 5.03 -17.40 -21.31
C LYS A 319 5.04 -18.80 -21.93
N LYS A 320 5.10 -19.86 -21.11
CA LYS A 320 5.03 -21.22 -21.63
C LYS A 320 3.67 -21.48 -22.29
N ASN A 321 2.59 -21.01 -21.65
CA ASN A 321 1.24 -21.22 -22.15
C ASN A 321 1.08 -20.47 -23.47
N LEU A 322 1.74 -19.31 -23.59
CA LEU A 322 1.61 -18.52 -24.80
C LEU A 322 2.31 -19.19 -25.99
N ILE A 323 3.51 -19.75 -25.78
CA ILE A 323 4.15 -20.51 -26.84
C ILE A 323 3.23 -21.65 -27.30
N ASN A 324 2.63 -22.38 -26.35
CA ASN A 324 1.72 -23.48 -26.68
C ASN A 324 0.55 -22.93 -27.51
N GLU A 325 -0.03 -21.80 -27.10
CA GLU A 325 -1.15 -21.21 -27.81
C GLU A 325 -0.73 -20.80 -29.21
N LEU A 326 0.41 -20.09 -29.33
CA LEU A 326 0.90 -19.69 -30.63
C LEU A 326 1.07 -20.89 -31.58
N LYS A 327 1.56 -22.03 -31.06
CA LYS A 327 1.75 -23.22 -31.88
C LYS A 327 0.40 -23.78 -32.36
N SER A 328 -0.69 -23.62 -31.61
CA SER A 328 -1.91 -24.31 -32.00
C SER A 328 -2.95 -23.37 -32.61
N VAL A 329 -2.66 -22.08 -32.77
CA VAL A 329 -3.67 -21.14 -33.21
C VAL A 329 -3.96 -21.38 -34.70
N LYS A 330 -5.25 -21.34 -35.08
CA LYS A 330 -5.72 -21.56 -36.46
C LYS A 330 -6.10 -20.23 -37.10
N LEU A 331 -5.15 -19.61 -37.78
CA LEU A 331 -5.35 -18.30 -38.37
C LEU A 331 -6.14 -18.45 -39.67
N LYS A 332 -7.17 -17.60 -39.81
CA LYS A 332 -8.10 -17.62 -40.93
C LYS A 332 -7.99 -16.29 -41.69
N LYS A 333 -8.06 -16.36 -43.02
CA LYS A 333 -7.90 -15.19 -43.86
C LYS A 333 -9.28 -14.74 -44.31
N LEU A 334 -9.56 -13.42 -44.25
CA LEU A 334 -10.58 -12.81 -45.10
C LEU A 334 -9.87 -11.91 -46.12
N ASN A 335 -10.53 -10.88 -46.63
CA ASN A 335 -9.91 -10.10 -47.69
C ASN A 335 -8.83 -9.18 -47.15
N ASN A 336 -9.13 -8.48 -46.05
CA ASN A 336 -8.24 -7.42 -45.58
C ASN A 336 -7.61 -7.78 -44.24
N ILE A 337 -8.14 -8.82 -43.55
CA ILE A 337 -7.70 -9.12 -42.20
C ILE A 337 -7.49 -10.63 -42.06
N TYR A 338 -6.83 -10.98 -40.96
CA TYR A 338 -6.80 -12.33 -40.41
C TYR A 338 -7.52 -12.30 -39.07
N TYR A 339 -8.00 -13.47 -38.66
CA TYR A 339 -8.62 -13.61 -37.36
C TYR A 339 -8.42 -15.03 -36.84
N PHE A 340 -8.82 -15.27 -35.59
CA PHE A 340 -8.58 -16.54 -34.93
C PHE A 340 -9.39 -16.55 -33.64
N GLU A 341 -9.82 -17.74 -33.21
CA GLU A 341 -10.36 -17.95 -31.88
C GLU A 341 -9.21 -18.34 -30.96
N GLY A 342 -9.24 -17.79 -29.73
CA GLY A 342 -8.20 -18.13 -28.77
C GLY A 342 -8.72 -18.11 -27.34
N LYS A 343 -7.79 -18.30 -26.40
CA LYS A 343 -8.11 -18.29 -24.98
C LYS A 343 -8.10 -16.85 -24.48
N LYS A 344 -9.03 -16.57 -23.56
CA LYS A 344 -9.09 -15.31 -22.85
C LYS A 344 -7.74 -15.09 -22.18
N GLY A 345 -7.18 -13.88 -22.34
CA GLY A 345 -5.89 -13.60 -21.74
C GLY A 345 -4.74 -13.69 -22.75
N MET A 346 -4.98 -14.32 -23.93
CA MET A 346 -4.00 -14.50 -24.98
C MET A 346 -4.37 -13.78 -26.28
N ILE A 347 -5.63 -13.34 -26.44
CA ILE A 347 -6.15 -12.84 -27.69
C ILE A 347 -5.34 -11.65 -28.19
N GLY A 348 -5.22 -10.61 -27.36
CA GLY A 348 -4.56 -9.36 -27.71
C GLY A 348 -3.08 -9.56 -27.94
N ILE A 349 -2.45 -10.37 -27.09
CA ILE A 349 -1.00 -10.52 -27.23
C ILE A 349 -0.71 -11.34 -28.51
N ILE A 350 -1.45 -12.41 -28.76
CA ILE A 350 -1.23 -13.20 -29.98
C ILE A 350 -1.47 -12.35 -31.21
N ALA A 351 -2.56 -11.57 -31.24
CA ALA A 351 -2.82 -10.68 -32.37
C ALA A 351 -1.64 -9.74 -32.63
N SER A 352 -1.03 -9.20 -31.56
CA SER A 352 0.12 -8.31 -31.69
C SER A 352 1.33 -9.05 -32.25
N ILE A 353 1.54 -10.28 -31.77
CA ILE A 353 2.64 -11.10 -32.25
C ILE A 353 2.44 -11.44 -33.73
N LEU A 354 1.23 -11.77 -34.17
CA LEU A 354 1.05 -12.28 -35.52
C LEU A 354 0.92 -11.19 -36.59
N VAL A 355 0.68 -9.93 -36.23
CA VAL A 355 0.53 -8.91 -37.25
C VAL A 355 1.79 -8.88 -38.14
N ASP A 356 1.56 -8.98 -39.46
CA ASP A 356 2.59 -8.74 -40.45
C ASP A 356 2.07 -7.71 -41.45
N ASP A 357 1.34 -8.18 -42.46
CA ASP A 357 0.94 -7.35 -43.59
C ASP A 357 -0.46 -6.77 -43.35
N LYS A 358 -1.27 -7.41 -42.50
CA LYS A 358 -2.67 -7.05 -42.35
C LYS A 358 -3.07 -7.01 -40.88
N PRO A 359 -4.14 -6.29 -40.49
CA PRO A 359 -4.64 -6.35 -39.12
C PRO A 359 -4.97 -7.79 -38.78
N VAL A 360 -4.81 -8.13 -37.50
CA VAL A 360 -5.20 -9.42 -36.98
C VAL A 360 -6.21 -9.18 -35.87
N ILE A 361 -7.28 -10.00 -35.87
CA ILE A 361 -8.32 -9.90 -34.86
C ILE A 361 -8.54 -11.27 -34.24
N GLY A 362 -8.26 -11.37 -32.94
CA GLY A 362 -8.56 -12.55 -32.18
C GLY A 362 -9.86 -12.37 -31.41
N TYR A 363 -10.53 -13.47 -31.08
CA TYR A 363 -11.73 -13.42 -30.26
C TYR A 363 -11.78 -14.64 -29.33
N HIS A 364 -12.54 -14.51 -28.24
CA HIS A 364 -12.83 -15.60 -27.33
C HIS A 364 -14.29 -15.51 -26.92
N ILE A 365 -14.90 -16.66 -26.62
CA ILE A 365 -16.29 -16.74 -26.22
C ILE A 365 -16.35 -16.88 -24.69
N GLU A 366 -17.16 -16.02 -24.07
CA GLU A 366 -17.33 -15.99 -22.63
C GLU A 366 -18.82 -15.81 -22.40
N GLY A 367 -19.53 -16.93 -22.28
CA GLY A 367 -20.98 -16.95 -22.17
C GLY A 367 -21.65 -16.83 -23.53
N ASP A 368 -22.56 -15.85 -23.66
CA ASP A 368 -23.31 -15.62 -24.88
C ASP A 368 -22.69 -14.48 -25.70
N ILE A 369 -21.47 -14.06 -25.36
CA ILE A 369 -20.88 -12.92 -26.05
C ILE A 369 -19.49 -13.27 -26.55
N ALA A 370 -19.15 -12.68 -27.70
CA ALA A 370 -17.81 -12.77 -28.27
C ALA A 370 -17.07 -11.46 -27.97
N LYS A 371 -15.83 -11.60 -27.47
CA LYS A 371 -14.94 -10.50 -27.16
C LYS A 371 -13.76 -10.51 -28.14
N PHE A 372 -13.48 -9.34 -28.74
CA PHE A 372 -12.51 -9.25 -29.82
C PHE A 372 -11.35 -8.33 -29.46
N SER A 373 -10.15 -8.68 -29.93
CA SER A 373 -9.00 -7.80 -29.85
C SER A 373 -8.40 -7.67 -31.23
N ALA A 374 -8.41 -6.45 -31.75
CA ALA A 374 -7.90 -6.19 -33.07
C ALA A 374 -6.60 -5.42 -32.95
N ARG A 375 -5.59 -5.85 -33.73
CA ARG A 375 -4.30 -5.22 -33.71
C ARG A 375 -3.83 -4.91 -35.13
N GLY A 376 -3.24 -3.71 -35.30
CA GLY A 376 -2.49 -3.37 -36.50
C GLY A 376 -1.04 -3.03 -36.17
N ASN A 377 -0.42 -2.19 -37.00
CA ASN A 377 0.91 -1.65 -36.73
C ASN A 377 0.95 -0.21 -37.23
N ARG A 378 2.05 0.48 -36.93
CA ARG A 378 2.24 1.87 -37.33
C ARG A 378 2.13 1.98 -38.85
N ASP A 379 2.75 1.03 -39.58
CA ASP A 379 2.69 1.03 -41.03
C ASP A 379 1.24 1.08 -41.51
N LEU A 380 0.39 0.19 -40.98
CA LEU A 380 -1.00 0.11 -41.36
C LEU A 380 -1.77 1.39 -41.02
N VAL A 381 -1.56 1.96 -39.81
CA VAL A 381 -2.21 3.20 -39.43
C VAL A 381 -1.78 4.31 -40.39
N ASN A 382 -0.50 4.35 -40.79
CA ASN A 382 -0.01 5.40 -41.67
C ASN A 382 -0.67 5.31 -43.05
N ARG A 383 -1.15 4.12 -43.43
CA ARG A 383 -1.87 3.93 -44.69
C ARG A 383 -3.37 4.08 -44.48
N GLY A 384 -3.82 4.42 -43.26
CA GLY A 384 -5.19 4.85 -43.03
C GLY A 384 -6.00 3.95 -42.08
N LEU A 385 -5.38 2.89 -41.53
CA LEU A 385 -6.11 2.02 -40.61
C LEU A 385 -6.58 2.83 -39.41
N ASN A 386 -7.82 2.59 -39.01
CA ASN A 386 -8.37 3.11 -37.77
C ASN A 386 -9.31 2.06 -37.16
N LEU A 387 -8.75 1.22 -36.28
CA LEU A 387 -9.50 0.13 -35.67
C LEU A 387 -10.52 0.67 -34.68
N SER A 388 -10.30 1.88 -34.16
CA SER A 388 -11.28 2.48 -33.27
C SER A 388 -12.62 2.61 -33.99
N VAL A 389 -12.56 3.16 -35.20
CA VAL A 389 -13.74 3.31 -36.05
C VAL A 389 -14.20 1.95 -36.57
N ALA A 390 -13.29 1.13 -37.09
CA ALA A 390 -13.68 -0.17 -37.64
C ALA A 390 -14.42 -1.00 -36.58
N MET A 391 -13.94 -1.04 -35.33
CA MET A 391 -14.52 -1.92 -34.31
C MET A 391 -15.81 -1.32 -33.75
N ALA A 392 -15.99 -0.01 -33.95
CA ALA A 392 -17.22 0.67 -33.55
C ALA A 392 -18.45 0.06 -34.23
N VAL A 393 -18.28 -0.53 -35.42
CA VAL A 393 -19.37 -1.11 -36.17
C VAL A 393 -20.06 -2.23 -35.39
N ALA A 394 -19.47 -2.67 -34.27
CA ALA A 394 -20.12 -3.61 -33.38
C ALA A 394 -21.54 -3.17 -33.02
N LYS A 395 -21.82 -1.86 -33.06
CA LYS A 395 -23.13 -1.37 -32.69
C LYS A 395 -24.20 -1.93 -33.65
N GLU A 396 -23.87 -2.09 -34.94
CA GLU A 396 -24.83 -2.56 -35.93
C GLU A 396 -25.31 -3.97 -35.60
N PHE A 397 -24.55 -4.69 -34.75
CA PHE A 397 -24.83 -6.07 -34.40
C PHE A 397 -25.19 -6.19 -32.93
N GLY A 398 -25.69 -5.09 -32.34
CA GLY A 398 -26.16 -5.12 -30.96
C GLY A 398 -25.09 -4.85 -29.92
N GLY A 399 -23.81 -4.76 -30.31
CA GLY A 399 -22.73 -4.65 -29.34
C GLY A 399 -22.11 -3.25 -29.29
N ASN A 400 -20.80 -3.21 -29.07
CA ASN A 400 -20.04 -1.97 -29.15
C ASN A 400 -18.54 -2.29 -29.16
N GLY A 401 -17.77 -1.37 -29.70
CA GLY A 401 -16.33 -1.51 -29.76
C GLY A 401 -15.65 -0.16 -29.88
N GLY A 402 -14.34 -0.16 -29.74
CA GLY A 402 -13.55 1.05 -29.86
C GLY A 402 -12.17 0.84 -29.24
N GLY A 403 -11.44 1.93 -29.07
CA GLY A 403 -10.06 1.87 -28.61
C GLY A 403 -9.21 2.81 -29.43
N HIS A 404 -7.96 2.40 -29.69
CA HIS A 404 -7.01 3.19 -30.47
C HIS A 404 -7.07 2.76 -31.94
N ASP A 405 -6.53 3.62 -32.79
CA ASP A 405 -6.38 3.34 -34.21
C ASP A 405 -5.63 2.01 -34.39
N VAL A 406 -4.61 1.78 -33.57
CA VAL A 406 -3.72 0.65 -33.79
C VAL A 406 -4.15 -0.58 -32.97
N ALA A 407 -5.07 -0.39 -32.02
CA ALA A 407 -5.49 -1.46 -31.14
C ALA A 407 -6.84 -1.13 -30.51
N SER A 408 -7.83 -1.99 -30.79
CA SER A 408 -9.19 -1.78 -30.35
C SER A 408 -9.83 -3.12 -30.02
N GLY A 409 -10.98 -3.03 -29.35
CA GLY A 409 -11.70 -4.20 -28.91
C GLY A 409 -13.14 -4.07 -29.31
N ALA A 410 -13.90 -5.14 -29.09
CA ALA A 410 -15.33 -5.07 -29.28
C ALA A 410 -15.99 -6.28 -28.65
N VAL A 411 -17.31 -6.18 -28.47
CA VAL A 411 -18.15 -7.32 -28.12
C VAL A 411 -19.36 -7.29 -29.05
N VAL A 412 -19.73 -8.50 -29.49
CA VAL A 412 -21.02 -8.74 -30.11
C VAL A 412 -21.54 -10.08 -29.59
N SER A 413 -22.84 -10.30 -29.86
CA SER A 413 -23.53 -11.55 -29.59
C SER A 413 -22.74 -12.70 -30.22
N LYS A 414 -22.53 -13.78 -29.44
CA LYS A 414 -21.62 -14.86 -29.81
C LYS A 414 -22.01 -15.44 -31.17
N ASP A 415 -23.30 -15.38 -31.49
CA ASP A 415 -23.78 -15.98 -32.73
C ASP A 415 -23.75 -14.95 -33.87
N LYS A 416 -23.08 -13.80 -33.72
CA LYS A 416 -22.91 -12.86 -34.82
C LYS A 416 -21.42 -12.67 -35.17
N VAL A 417 -20.57 -13.61 -34.75
CA VAL A 417 -19.14 -13.50 -34.95
C VAL A 417 -18.85 -13.17 -36.42
N GLN A 418 -19.35 -14.02 -37.31
CA GLN A 418 -18.95 -14.02 -38.70
C GLN A 418 -19.40 -12.74 -39.38
N GLU A 419 -20.62 -12.32 -39.02
CA GLU A 419 -21.26 -11.12 -39.55
C GLU A 419 -20.40 -9.90 -39.24
N PHE A 420 -20.01 -9.81 -37.96
CA PHE A 420 -19.22 -8.69 -37.47
C PHE A 420 -17.88 -8.63 -38.19
N LEU A 421 -17.16 -9.76 -38.23
CA LEU A 421 -15.83 -9.80 -38.81
C LEU A 421 -15.85 -9.41 -40.29
N LYS A 422 -16.91 -9.81 -41.00
CA LYS A 422 -17.02 -9.46 -42.41
C LYS A 422 -17.24 -7.96 -42.55
N ARG A 423 -18.13 -7.41 -41.72
CA ARG A 423 -18.39 -5.98 -41.70
C ARG A 423 -17.13 -5.18 -41.34
N VAL A 424 -16.33 -5.67 -40.38
CA VAL A 424 -15.04 -5.06 -40.05
C VAL A 424 -14.05 -5.23 -41.23
N ASP A 425 -13.97 -6.44 -41.80
CA ASP A 425 -13.15 -6.69 -42.97
C ASP A 425 -13.48 -5.67 -44.07
N GLU A 426 -14.78 -5.37 -44.26
CA GLU A 426 -15.23 -4.45 -45.31
C GLU A 426 -14.76 -3.03 -45.01
N ILE A 427 -14.97 -2.57 -43.76
CA ILE A 427 -14.57 -1.25 -43.32
C ILE A 427 -13.06 -1.06 -43.48
N ILE A 428 -12.28 -2.06 -43.04
CA ILE A 428 -10.84 -1.93 -43.06
C ILE A 428 -10.36 -1.83 -44.51
N GLY A 429 -10.98 -2.61 -45.41
CA GLY A 429 -10.65 -2.52 -46.84
C GLY A 429 -10.72 -1.09 -47.39
N GLU A 430 -11.86 -0.43 -47.15
CA GLU A 430 -12.06 0.96 -47.55
C GLU A 430 -11.01 1.86 -46.92
N GLN A 431 -10.93 1.85 -45.57
CA GLN A 431 -9.98 2.68 -44.84
C GLN A 431 -8.64 2.68 -45.57
N LEU A 432 -8.17 1.47 -45.91
CA LEU A 432 -6.91 1.35 -46.63
C LEU A 432 -7.16 1.61 -48.13
N ALA B 1 6.09 -26.16 24.12
CA ALA B 1 5.09 -27.25 24.19
C ALA B 1 3.74 -26.64 24.57
N HIS B 2 3.69 -25.89 25.68
CA HIS B 2 2.45 -25.24 26.08
C HIS B 2 2.03 -24.16 25.07
N MET B 3 3.00 -23.40 24.57
CA MET B 3 2.73 -22.37 23.59
C MET B 3 2.21 -23.01 22.30
N MET B 4 2.84 -24.10 21.85
CA MET B 4 2.42 -24.81 20.64
C MET B 4 0.99 -25.34 20.77
N GLU B 5 0.59 -25.79 21.98
CA GLU B 5 -0.74 -26.33 22.19
C GLU B 5 -1.73 -25.15 22.18
N LYS B 6 -1.31 -23.99 22.68
CA LYS B 6 -2.15 -22.80 22.60
C LYS B 6 -2.38 -22.40 21.15
N LEU B 7 -1.32 -22.43 20.33
CA LEU B 7 -1.42 -22.02 18.93
C LEU B 7 -2.29 -22.99 18.14
N LYS B 8 -2.30 -24.28 18.51
CA LYS B 8 -3.19 -25.26 17.90
C LYS B 8 -4.65 -24.89 18.14
N GLU B 9 -5.00 -24.38 19.32
CA GLU B 9 -6.40 -23.99 19.51
C GLU B 9 -6.68 -22.73 18.69
N ILE B 10 -5.71 -21.81 18.57
CA ILE B 10 -5.96 -20.56 17.83
C ILE B 10 -6.02 -20.86 16.34
N GLU B 11 -5.28 -21.86 15.88
CA GLU B 11 -5.20 -22.24 14.47
C GLU B 11 -6.59 -22.61 13.93
N LYS B 12 -7.49 -23.08 14.81
CA LYS B 12 -8.83 -23.46 14.37
C LYS B 12 -9.55 -22.22 13.83
N VAL B 13 -9.37 -21.11 14.52
CA VAL B 13 -10.01 -19.86 14.13
C VAL B 13 -9.24 -19.18 12.98
N THR B 14 -7.89 -19.14 13.07
CA THR B 14 -7.10 -18.52 12.00
C THR B 14 -7.30 -19.26 10.68
N LYS B 15 -7.39 -20.61 10.71
CA LYS B 15 -7.69 -21.35 9.48
C LYS B 15 -9.07 -21.00 8.91
N ALA B 16 -10.09 -20.87 9.73
CA ALA B 16 -11.40 -20.47 9.27
C ALA B 16 -11.39 -19.05 8.66
N ILE B 17 -10.63 -18.15 9.27
CA ILE B 17 -10.49 -16.79 8.78
C ILE B 17 -9.84 -16.83 7.42
N LYS B 18 -8.75 -17.59 7.28
CA LYS B 18 -8.06 -17.75 6.02
C LYS B 18 -9.04 -18.20 4.92
N GLU B 19 -9.88 -19.20 5.21
CA GLU B 19 -10.82 -19.74 4.23
C GLU B 19 -11.85 -18.67 3.88
N LYS B 20 -12.33 -17.95 4.90
CA LYS B 20 -13.34 -16.93 4.69
C LYS B 20 -12.79 -15.86 3.74
N ILE B 21 -11.51 -15.45 3.90
CA ILE B 21 -10.94 -14.39 3.06
C ILE B 21 -10.80 -14.91 1.62
N LEU B 22 -10.13 -16.07 1.46
CA LEU B 22 -9.83 -16.64 0.14
C LEU B 22 -11.10 -16.77 -0.70
N ASN B 23 -12.19 -17.20 -0.04
CA ASN B 23 -13.43 -17.55 -0.71
C ASN B 23 -14.32 -16.33 -0.93
N HIS B 24 -13.88 -15.14 -0.50
CA HIS B 24 -14.67 -13.93 -0.75
C HIS B 24 -14.16 -13.16 -1.97
N TYR B 25 -15.07 -12.85 -2.90
CA TYR B 25 -14.74 -12.24 -4.19
C TYR B 25 -15.39 -10.87 -4.34
N GLY B 26 -16.05 -10.38 -3.29
CA GLY B 26 -16.58 -9.03 -3.32
C GLY B 26 -15.65 -7.99 -2.68
N TYR B 27 -16.22 -6.83 -2.37
CA TYR B 27 -15.44 -5.74 -1.79
C TYR B 27 -15.02 -6.15 -0.38
N ILE B 28 -13.87 -5.62 0.07
CA ILE B 28 -13.34 -5.85 1.42
C ILE B 28 -13.10 -4.52 2.10
N ARG B 29 -13.71 -4.36 3.27
CA ARG B 29 -13.54 -3.15 4.04
C ARG B 29 -12.73 -3.49 5.27
N VAL B 30 -11.62 -2.76 5.44
CA VAL B 30 -10.76 -2.88 6.61
C VAL B 30 -10.89 -1.62 7.43
N ILE B 31 -11.16 -1.81 8.73
CA ILE B 31 -11.27 -0.71 9.65
C ILE B 31 -10.32 -0.94 10.81
N THR B 32 -9.47 0.06 11.06
CA THR B 32 -8.45 0.00 12.09
C THR B 32 -8.39 1.33 12.84
N HIS B 33 -7.58 1.32 13.91
CA HIS B 33 -7.38 2.44 14.82
CA HIS B 33 -7.42 2.45 14.81
C HIS B 33 -6.22 3.29 14.32
N HIS B 34 -6.02 4.45 14.90
CA HIS B 34 -5.04 5.43 14.44
C HIS B 34 -3.72 5.42 15.24
N ASP B 35 -3.63 4.65 16.32
CA ASP B 35 -2.39 4.56 17.10
C ASP B 35 -1.38 3.66 16.35
N THR B 36 -0.17 3.49 16.91
CA THR B 36 0.85 2.68 16.27
C THR B 36 0.39 1.26 15.97
N ASP B 37 -0.27 0.61 16.93
CA ASP B 37 -0.72 -0.77 16.80
C ASP B 37 -1.80 -0.92 15.73
N GLY B 38 -2.67 0.09 15.59
CA GLY B 38 -3.72 0.11 14.58
C GLY B 38 -3.19 0.31 13.15
N LEU B 39 -2.19 1.18 13.03
CA LEU B 39 -1.57 1.44 11.74
C LEU B 39 -0.74 0.23 11.35
N SER B 40 0.02 -0.36 12.28
CA SER B 40 0.78 -1.57 12.02
CA SER B 40 0.78 -1.55 11.94
C SER B 40 -0.15 -2.72 11.60
N SER B 41 -1.32 -2.82 12.27
CA SER B 41 -2.34 -3.80 11.92
C SER B 41 -2.81 -3.59 10.48
N GLY B 42 -3.13 -2.34 10.13
CA GLY B 42 -3.51 -1.98 8.77
C GLY B 42 -2.46 -2.41 7.75
N GLY B 43 -1.19 -2.16 8.08
CA GLY B 43 -0.11 -2.54 7.21
C GLY B 43 -0.01 -4.05 6.99
N ILE B 44 -0.17 -4.80 8.09
CA ILE B 44 -0.13 -6.25 7.99
C ILE B 44 -1.26 -6.70 7.08
N LEU B 45 -2.47 -6.19 7.33
CA LEU B 45 -3.62 -6.67 6.60
C LEU B 45 -3.50 -6.27 5.14
N ALA B 46 -2.98 -5.06 4.90
CA ALA B 46 -2.80 -4.60 3.53
C ALA B 46 -1.91 -5.54 2.73
N LYS B 47 -0.76 -5.94 3.29
CA LYS B 47 0.15 -6.82 2.57
C LYS B 47 -0.50 -8.20 2.38
N MET B 48 -1.11 -8.70 3.45
CA MET B 48 -1.70 -10.03 3.44
C MET B 48 -2.79 -10.10 2.35
N LEU B 49 -3.58 -9.05 2.22
CA LEU B 49 -4.71 -9.05 1.30
C LEU B 49 -4.22 -8.92 -0.14
N MET B 50 -3.27 -8.02 -0.41
CA MET B 50 -2.71 -7.89 -1.75
C MET B 50 -2.10 -9.22 -2.20
N ARG B 51 -1.35 -9.86 -1.30
CA ARG B 51 -0.67 -11.10 -1.66
C ARG B 51 -1.68 -12.21 -1.98
N THR B 52 -2.86 -12.21 -1.35
CA THR B 52 -3.87 -13.21 -1.60
C THR B 52 -4.85 -12.72 -2.67
N ASN B 53 -4.43 -11.68 -3.43
CA ASN B 53 -5.13 -11.17 -4.58
C ASN B 53 -6.48 -10.55 -4.19
N LYS B 54 -6.53 -9.81 -3.07
CA LYS B 54 -7.73 -9.11 -2.68
C LYS B 54 -7.47 -7.61 -2.67
N LEU B 55 -8.28 -6.87 -3.42
CA LEU B 55 -8.34 -5.42 -3.31
C LEU B 55 -9.24 -5.07 -2.11
N PHE B 56 -8.96 -3.93 -1.47
CA PHE B 56 -9.65 -3.60 -0.24
C PHE B 56 -9.71 -2.10 -0.09
N HIS B 57 -10.58 -1.67 0.82
CA HIS B 57 -10.75 -0.27 1.16
C HIS B 57 -10.50 -0.16 2.66
N LEU B 58 -9.36 0.48 3.01
CA LEU B 58 -9.00 0.70 4.39
C LEU B 58 -9.47 2.08 4.85
N THR B 59 -10.04 2.09 6.06
CA THR B 59 -10.52 3.27 6.75
C THR B 59 -9.94 3.25 8.18
N VAL B 60 -9.55 4.41 8.70
CA VAL B 60 -9.06 4.53 10.06
C VAL B 60 -10.07 5.32 10.86
N VAL B 61 -10.52 4.77 11.99
CA VAL B 61 -11.42 5.49 12.87
C VAL B 61 -10.81 5.57 14.27
N GLU B 62 -11.00 6.72 14.93
CA GLU B 62 -10.54 6.93 16.28
C GLU B 62 -11.32 6.05 17.25
N HIS B 63 -12.65 5.99 17.09
CA HIS B 63 -13.49 5.15 17.93
C HIS B 63 -14.62 4.56 17.09
N LEU B 64 -14.85 3.26 17.25
CA LEU B 64 -15.98 2.61 16.61
C LEU B 64 -17.25 2.89 17.42
N SER B 65 -17.92 4.00 17.11
CA SER B 65 -19.15 4.40 17.81
C SER B 65 -20.35 3.72 17.17
N LYS B 66 -21.49 3.76 17.85
CA LYS B 66 -22.75 3.29 17.28
C LYS B 66 -22.97 4.01 15.95
N GLU B 67 -22.58 5.30 15.93
CA GLU B 67 -22.80 6.18 14.78
C GLU B 67 -21.97 5.72 13.59
N VAL B 68 -20.67 5.45 13.84
CA VAL B 68 -19.77 4.97 12.80
C VAL B 68 -20.32 3.65 12.26
N ILE B 69 -20.77 2.73 13.13
CA ILE B 69 -21.27 1.44 12.71
C ILE B 69 -22.50 1.59 11.83
N GLU B 70 -23.41 2.51 12.19
CA GLU B 70 -24.64 2.72 11.42
C GLU B 70 -24.30 3.31 10.05
N LYS B 71 -23.28 4.18 9.99
CA LYS B 71 -22.79 4.70 8.72
C LYS B 71 -22.21 3.57 7.87
N LEU B 72 -21.42 2.69 8.48
CA LEU B 72 -20.85 1.58 7.73
C LEU B 72 -21.96 0.65 7.23
N ALA B 73 -23.06 0.52 7.98
CA ALA B 73 -24.13 -0.39 7.61
C ALA B 73 -24.85 0.09 6.35
N LYS B 74 -24.75 1.38 6.03
CA LYS B 74 -25.42 1.90 4.85
C LYS B 74 -24.62 1.56 3.58
N GLU B 75 -23.30 1.33 3.69
CA GLU B 75 -22.53 0.69 2.62
C GLU B 75 -22.96 -0.76 2.40
N ASN B 76 -23.47 -1.37 3.46
CA ASN B 76 -23.78 -2.79 3.51
C ASN B 76 -24.93 -3.13 2.57
N GLU B 77 -25.86 -2.18 2.36
CA GLU B 77 -27.05 -2.46 1.57
C GLU B 77 -26.65 -2.52 0.09
N VAL B 78 -25.87 -1.53 -0.36
CA VAL B 78 -25.34 -1.55 -1.72
C VAL B 78 -23.89 -2.05 -1.65
N ASN B 79 -23.70 -3.37 -1.85
CA ASN B 79 -22.40 -4.03 -1.96
C ASN B 79 -22.37 -5.30 -1.09
N LYS B 80 -22.51 -5.14 0.23
CA LYS B 80 -22.37 -6.22 1.20
C LYS B 80 -20.92 -6.70 1.28
N PRO B 81 -19.97 -5.84 1.68
CA PRO B 81 -18.57 -6.24 1.74
C PRO B 81 -18.25 -7.16 2.92
N LEU B 82 -17.09 -7.84 2.83
CA LEU B 82 -16.46 -8.46 3.98
C LEU B 82 -15.81 -7.36 4.81
N PHE B 83 -16.22 -7.22 6.08
CA PHE B 83 -15.57 -6.28 6.97
C PHE B 83 -14.49 -6.99 7.79
N ILE B 84 -13.28 -6.43 7.83
CA ILE B 84 -12.23 -6.85 8.76
C ILE B 84 -11.96 -5.68 9.69
N PHE B 85 -12.27 -5.90 10.97
CA PHE B 85 -12.06 -4.91 12.02
C PHE B 85 -10.78 -5.26 12.77
N ALA B 86 -9.89 -4.28 12.96
CA ALA B 86 -8.66 -4.52 13.71
C ALA B 86 -8.57 -3.58 14.89
N ALA B 87 -8.22 -4.13 16.06
CA ALA B 87 -8.10 -3.41 17.32
C ALA B 87 -9.44 -2.90 17.79
N MET B 88 -10.52 -3.40 17.20
CA MET B 88 -11.86 -2.96 17.59
C MET B 88 -12.84 -4.01 17.09
N GLY B 89 -14.08 -3.92 17.57
CA GLY B 89 -15.11 -4.87 17.15
C GLY B 89 -15.60 -5.76 18.28
N SER B 90 -14.69 -6.23 19.14
CA SER B 90 -15.09 -7.10 20.23
C SER B 90 -16.03 -6.34 21.16
N GLY B 91 -15.68 -5.08 21.48
CA GLY B 91 -16.48 -4.28 22.40
C GLY B 91 -17.82 -3.89 21.79
N GLN B 92 -17.89 -3.77 20.46
CA GLN B 92 -19.07 -3.27 19.76
C GLN B 92 -19.83 -4.40 19.07
N ILE B 93 -19.62 -5.65 19.50
CA ILE B 93 -20.04 -6.79 18.70
C ILE B 93 -21.56 -6.85 18.58
N GLU B 94 -22.31 -6.32 19.58
CA GLU B 94 -23.77 -6.41 19.56
C GLU B 94 -24.35 -5.62 18.38
N GLU B 95 -23.85 -4.38 18.20
CA GLU B 95 -24.20 -3.54 17.04
C GLU B 95 -23.83 -4.21 15.72
N ILE B 96 -22.68 -4.90 15.68
CA ILE B 96 -22.19 -5.53 14.46
C ILE B 96 -23.09 -6.73 14.11
N ILE B 97 -23.55 -7.45 15.14
CA ILE B 97 -24.54 -8.51 14.97
C ILE B 97 -25.86 -7.90 14.51
N LYS B 98 -26.29 -6.84 15.18
CA LYS B 98 -27.56 -6.18 14.90
C LYS B 98 -27.67 -5.92 13.42
N HIS B 99 -26.59 -5.40 12.81
CA HIS B 99 -26.63 -5.01 11.41
C HIS B 99 -26.27 -6.16 10.48
N ASN B 100 -26.01 -7.35 11.01
CA ASN B 100 -25.72 -8.53 10.20
C ASN B 100 -24.55 -8.34 9.20
N PHE B 101 -23.47 -7.65 9.61
CA PHE B 101 -22.23 -7.62 8.83
C PHE B 101 -21.71 -9.02 8.55
N ASN B 102 -21.18 -9.20 7.34
CA ASN B 102 -20.18 -10.21 7.06
C ASN B 102 -18.85 -9.72 7.64
N ALA B 103 -18.37 -10.33 8.77
CA ALA B 103 -17.24 -9.71 9.45
C ALA B 103 -16.25 -10.69 10.07
N ILE B 104 -15.02 -10.19 10.10
CA ILE B 104 -13.88 -10.76 10.81
C ILE B 104 -13.41 -9.69 11.80
N ILE B 105 -13.39 -10.05 13.08
CA ILE B 105 -12.96 -9.16 14.14
C ILE B 105 -11.63 -9.68 14.68
N LEU B 106 -10.60 -8.84 14.61
CA LEU B 106 -9.28 -9.17 15.10
C LEU B 106 -8.96 -8.14 16.20
N ASP B 107 -9.14 -8.53 17.46
CA ASP B 107 -9.21 -7.55 18.53
C ASP B 107 -8.66 -8.11 19.84
N HIS B 108 -7.84 -7.33 20.54
CA HIS B 108 -7.22 -7.81 21.76
C HIS B 108 -7.90 -7.22 23.01
N HIS B 109 -8.90 -6.33 22.83
CA HIS B 109 -9.62 -5.74 23.94
C HIS B 109 -10.56 -6.79 24.56
N PRO B 110 -10.96 -6.63 25.84
CA PRO B 110 -11.76 -7.67 26.51
C PRO B 110 -13.03 -7.91 25.71
N PRO B 111 -13.39 -9.18 25.41
CA PRO B 111 -14.62 -9.43 24.63
C PRO B 111 -15.92 -9.28 25.42
N VAL B 112 -16.96 -8.76 24.76
CA VAL B 112 -18.30 -8.80 25.29
C VAL B 112 -18.90 -10.20 25.11
N ILE B 113 -18.74 -10.79 23.93
CA ILE B 113 -19.23 -12.15 23.69
C ILE B 113 -18.03 -13.06 23.49
N LYS B 114 -17.92 -14.07 24.35
CA LYS B 114 -16.73 -14.90 24.46
C LYS B 114 -16.81 -16.07 23.50
N ASP B 115 -17.10 -15.82 22.22
CA ASP B 115 -17.22 -16.88 21.23
C ASP B 115 -16.35 -16.50 20.02
N SER B 116 -15.60 -17.46 19.47
CA SER B 116 -14.85 -17.22 18.22
C SER B 116 -15.77 -17.26 17.01
N PHE B 117 -16.76 -18.16 17.05
CA PHE B 117 -17.72 -18.32 15.97
C PHE B 117 -19.06 -17.74 16.42
N ILE B 118 -19.43 -16.62 15.84
CA ILE B 118 -20.56 -15.90 16.39
C ILE B 118 -21.86 -16.39 15.75
N ASN B 119 -21.93 -16.39 14.43
CA ASN B 119 -23.09 -16.97 13.77
C ASN B 119 -22.58 -17.72 12.53
N GLU B 120 -23.22 -17.54 11.38
CA GLU B 120 -22.65 -18.06 10.13
C GLU B 120 -21.75 -17.02 9.48
N ASN B 121 -21.86 -15.73 9.86
CA ASN B 121 -21.23 -14.65 9.11
C ASN B 121 -20.15 -13.87 9.89
N ILE B 122 -19.95 -14.15 11.19
CA ILE B 122 -18.98 -13.42 12.00
C ILE B 122 -17.99 -14.40 12.62
N ILE B 123 -16.69 -14.11 12.38
CA ILE B 123 -15.59 -14.72 13.13
C ILE B 123 -14.89 -13.64 13.97
N GLN B 124 -14.69 -13.99 15.25
CA GLN B 124 -13.98 -13.17 16.21
C GLN B 124 -12.73 -13.92 16.65
N LEU B 125 -11.56 -13.35 16.34
CA LEU B 125 -10.29 -13.79 16.89
C LEU B 125 -9.88 -12.80 17.99
N ASN B 126 -10.05 -13.26 19.23
CA ASN B 126 -9.79 -12.46 20.40
C ASN B 126 -9.04 -13.33 21.41
N PRO B 127 -7.81 -12.94 21.82
CA PRO B 127 -6.92 -13.75 22.64
C PRO B 127 -7.53 -14.11 23.98
N HIS B 128 -8.42 -13.26 24.50
CA HIS B 128 -9.03 -13.52 25.78
C HIS B 128 -9.89 -14.80 25.73
N ILE B 129 -10.42 -15.14 24.55
CA ILE B 129 -11.25 -16.32 24.43
C ILE B 129 -10.38 -17.56 24.69
N PHE B 130 -9.07 -17.46 24.47
CA PHE B 130 -8.13 -18.56 24.70
C PHE B 130 -7.36 -18.36 26.00
N GLY B 131 -7.85 -17.51 26.89
CA GLY B 131 -7.15 -17.30 28.15
C GLY B 131 -5.88 -16.49 28.02
N VAL B 132 -5.72 -15.74 26.92
CA VAL B 132 -4.52 -14.92 26.76
C VAL B 132 -4.88 -13.45 27.03
N ASP B 133 -4.06 -12.81 27.87
CA ASP B 133 -4.31 -11.46 28.34
C ASP B 133 -3.90 -10.46 27.25
N GLY B 134 -4.91 -9.90 26.58
CA GLY B 134 -4.68 -8.94 25.51
C GLY B 134 -4.04 -7.63 25.95
N SER B 135 -3.97 -7.37 27.27
CA SER B 135 -3.30 -6.17 27.74
C SER B 135 -1.80 -6.41 27.98
N ARG B 136 -1.32 -7.66 27.96
CA ARG B 136 0.08 -7.90 28.31
C ARG B 136 0.80 -8.86 27.37
N GLU B 137 0.04 -9.74 26.69
CA GLU B 137 0.59 -10.89 25.99
C GLU B 137 0.35 -10.86 24.48
N ILE B 138 -0.55 -10.00 23.99
CA ILE B 138 -0.63 -9.81 22.55
C ILE B 138 -1.33 -8.49 22.25
N THR B 139 -0.94 -7.88 21.14
CA THR B 139 -1.57 -6.69 20.61
C THR B 139 -2.41 -7.02 19.36
N ALA B 140 -3.14 -6.02 18.88
CA ALA B 140 -3.91 -6.16 17.66
C ALA B 140 -3.04 -6.53 16.46
N SER B 141 -1.81 -5.94 16.38
CA SER B 141 -0.91 -6.25 15.29
CA SER B 141 -0.91 -6.26 15.28
C SER B 141 -0.52 -7.74 15.36
N GLY B 142 -0.39 -8.24 16.60
CA GLY B 142 -0.07 -9.63 16.82
C GLY B 142 -1.20 -10.56 16.38
N VAL B 143 -2.44 -10.19 16.71
CA VAL B 143 -3.61 -10.93 16.27
C VAL B 143 -3.67 -10.97 14.74
N CYS B 144 -3.39 -9.84 14.07
CA CYS B 144 -3.39 -9.84 12.62
C CYS B 144 -2.28 -10.75 12.08
N TYR B 145 -1.12 -10.69 12.74
CA TYR B 145 0.00 -11.53 12.34
C TYR B 145 -0.36 -13.02 12.49
N LEU B 146 -1.11 -13.42 13.52
CA LEU B 146 -1.47 -14.84 13.65
C LEU B 146 -2.31 -15.30 12.45
N VAL B 147 -3.13 -14.40 11.91
CA VAL B 147 -3.81 -14.71 10.66
C VAL B 147 -2.79 -14.79 9.52
N ALA B 148 -1.91 -13.78 9.39
CA ALA B 148 -0.97 -13.70 8.29
C ALA B 148 -0.10 -14.95 8.20
N ARG B 149 0.23 -15.53 9.35
CA ARG B 149 1.15 -16.65 9.34
C ARG B 149 0.46 -17.91 8.84
N GLU B 150 -0.89 -17.94 8.81
CA GLU B 150 -1.60 -19.03 8.14
C GLU B 150 -1.33 -19.00 6.64
N PHE B 151 -0.89 -17.85 6.07
CA PHE B 151 -0.46 -17.87 4.68
C PHE B 151 1.06 -17.98 4.52
N GLY B 152 1.78 -18.18 5.63
CA GLY B 152 3.25 -18.25 5.58
C GLY B 152 3.94 -16.89 5.40
N TYR B 153 3.27 -15.78 5.73
CA TYR B 153 3.85 -14.46 5.57
C TYR B 153 4.60 -14.04 6.85
N TYR B 154 5.70 -14.75 7.14
CA TYR B 154 6.46 -14.56 8.36
C TYR B 154 7.14 -13.19 8.35
N ASP B 155 7.34 -12.60 7.16
CA ASP B 155 8.04 -11.33 7.04
C ASP B 155 7.26 -10.21 7.75
N LEU B 156 5.96 -10.41 7.93
CA LEU B 156 5.08 -9.38 8.49
C LEU B 156 5.19 -9.35 10.02
N SER B 157 5.92 -10.32 10.57
CA SER B 157 6.24 -10.29 11.98
C SER B 157 6.86 -8.95 12.39
N VAL B 158 7.61 -8.27 11.51
CA VAL B 158 8.27 -7.03 11.86
C VAL B 158 7.23 -5.98 12.24
N LEU B 159 6.05 -6.01 11.59
CA LEU B 159 5.04 -5.03 11.96
C LEU B 159 4.34 -5.43 13.26
N ALA B 160 4.27 -6.72 13.54
CA ALA B 160 3.74 -7.18 14.82
C ALA B 160 4.63 -6.63 15.93
N ILE B 161 5.95 -6.68 15.75
CA ILE B 161 6.90 -6.15 16.74
C ILE B 161 6.66 -4.65 16.98
N VAL B 162 6.40 -3.93 15.89
CA VAL B 162 6.15 -2.52 16.01
C VAL B 162 4.94 -2.30 16.89
N GLY B 163 3.87 -3.12 16.72
CA GLY B 163 2.66 -2.99 17.50
C GLY B 163 2.88 -3.31 18.98
N ILE B 164 3.71 -4.30 19.23
CA ILE B 164 4.14 -4.67 20.59
C ILE B 164 4.77 -3.47 21.32
N ILE B 165 5.73 -2.80 20.66
CA ILE B 165 6.35 -1.59 21.16
C ILE B 165 5.32 -0.49 21.35
N GLY B 166 4.50 -0.24 20.34
CA GLY B 166 3.50 0.82 20.33
C GLY B 166 2.49 0.66 21.46
N ASP B 167 2.07 -0.58 21.78
CA ASP B 167 1.06 -0.80 22.82
C ASP B 167 1.72 -1.10 24.17
N MET B 168 3.05 -0.95 24.27
CA MET B 168 3.76 -1.00 25.55
C MET B 168 3.67 -2.39 26.14
N GLN B 169 3.98 -3.44 25.37
CA GLN B 169 3.93 -4.81 25.83
C GLN B 169 5.30 -5.43 25.60
N TYR B 170 6.30 -4.57 25.42
CA TYR B 170 7.63 -5.05 25.11
C TYR B 170 8.39 -5.39 26.37
N ASN B 171 8.01 -4.88 27.55
CA ASN B 171 8.88 -5.15 28.70
C ASN B 171 8.07 -5.36 29.98
N PRO B 172 7.84 -6.61 30.45
CA PRO B 172 8.46 -7.80 29.90
C PRO B 172 7.70 -8.28 28.67
N LEU B 173 8.39 -9.07 27.88
CA LEU B 173 7.84 -9.69 26.69
C LEU B 173 7.23 -11.04 27.06
N LEU B 174 5.92 -11.18 26.95
CA LEU B 174 5.20 -12.32 27.50
C LEU B 174 4.45 -13.06 26.40
N GLY B 175 4.23 -14.37 26.62
CA GLY B 175 3.18 -15.14 25.95
C GLY B 175 3.35 -15.13 24.44
N LEU B 176 2.25 -14.82 23.72
CA LEU B 176 2.28 -14.84 22.27
C LEU B 176 3.28 -13.80 21.73
N ASN B 177 3.40 -12.63 22.39
CA ASN B 177 4.38 -11.62 21.97
C ASN B 177 5.78 -12.22 21.92
N LYS B 178 6.11 -12.99 22.96
CA LYS B 178 7.42 -13.61 23.08
C LYS B 178 7.59 -14.62 21.94
N PHE B 179 6.53 -15.36 21.66
CA PHE B 179 6.56 -16.34 20.59
C PHE B 179 6.78 -15.66 19.23
N ILE B 180 6.07 -14.54 19.01
CA ILE B 180 6.18 -13.80 17.75
C ILE B 180 7.61 -13.30 17.54
N VAL B 181 8.20 -12.72 18.59
CA VAL B 181 9.56 -12.20 18.51
C VAL B 181 10.53 -13.35 18.22
N ASN B 182 10.36 -14.51 18.88
CA ASN B 182 11.25 -15.65 18.69
CA ASN B 182 11.20 -15.68 18.71
C ASN B 182 11.09 -16.20 17.26
N GLU B 183 9.85 -16.27 16.76
CA GLU B 183 9.62 -16.65 15.37
C GLU B 183 10.31 -15.70 14.39
N ALA B 184 10.15 -14.37 14.59
CA ALA B 184 10.81 -13.39 13.73
C ALA B 184 12.34 -13.56 13.74
N ARG B 185 12.90 -13.82 14.92
CA ARG B 185 14.34 -13.99 15.06
C ARG B 185 14.76 -15.27 14.32
N GLU B 186 14.00 -16.36 14.48
CA GLU B 186 14.32 -17.63 13.84
C GLU B 186 14.34 -17.49 12.32
N TYR B 187 13.46 -16.67 11.74
CA TYR B 187 13.38 -16.47 10.30
C TYR B 187 14.25 -15.31 9.83
N ARG B 188 14.98 -14.71 10.78
CA ARG B 188 15.94 -13.63 10.50
C ARG B 188 15.28 -12.35 9.98
N TYR B 189 14.10 -12.01 10.49
CA TYR B 189 13.47 -10.72 10.22
C TYR B 189 13.75 -9.70 11.33
N VAL B 190 14.33 -10.16 12.44
CA VAL B 190 14.66 -9.28 13.54
C VAL B 190 15.98 -9.75 14.18
N LYS B 191 16.82 -8.80 14.58
CA LYS B 191 17.94 -9.05 15.48
C LYS B 191 17.68 -8.28 16.76
N ILE B 192 18.02 -8.89 17.89
CA ILE B 192 17.84 -8.28 19.18
C ILE B 192 19.20 -7.94 19.81
N MET B 193 19.26 -6.74 20.39
CA MET B 193 20.51 -6.16 20.88
C MET B 193 20.22 -5.26 22.09
N ASN B 194 20.76 -5.58 23.28
CA ASN B 194 20.67 -4.66 24.40
C ASN B 194 21.50 -3.42 24.07
N ASP B 195 20.93 -2.26 24.36
CA ASP B 195 21.48 -0.99 23.95
C ASP B 195 20.84 0.14 24.74
N ILE B 196 21.42 1.33 24.59
CA ILE B 196 20.87 2.52 25.21
C ILE B 196 19.81 3.12 24.28
N VAL B 197 18.79 3.72 24.88
CA VAL B 197 17.64 4.18 24.13
C VAL B 197 18.00 5.26 23.10
N TYR B 198 19.04 6.07 23.36
CA TYR B 198 19.37 7.19 22.51
C TYR B 198 19.89 6.72 21.16
N ASN B 199 20.38 5.48 21.11
CA ASN B 199 20.91 4.93 19.88
C ASN B 199 19.81 4.49 18.90
N ILE B 200 18.53 4.52 19.24
CA ILE B 200 17.52 4.07 18.28
C ILE B 200 17.22 5.13 17.20
N TYR B 201 17.65 6.38 17.41
CA TYR B 201 17.12 7.51 16.66
C TYR B 201 17.94 7.80 15.40
N ASP B 202 19.20 7.35 15.37
CA ASP B 202 20.16 7.66 14.31
C ASP B 202 20.18 9.15 13.99
N VAL B 203 20.28 10.00 15.02
CA VAL B 203 20.58 11.41 14.86
C VAL B 203 21.74 11.71 15.78
N GLU B 204 22.23 12.94 15.68
CA GLU B 204 23.23 13.43 16.61
C GLU B 204 22.76 13.15 18.03
N ILE B 205 23.64 12.55 18.85
CA ILE B 205 23.24 12.12 20.19
C ILE B 205 22.73 13.28 21.02
N TYR B 206 23.23 14.51 20.82
CA TYR B 206 22.78 15.59 21.69
C TYR B 206 21.31 15.90 21.41
N LYS B 207 20.86 15.65 20.18
CA LYS B 207 19.47 15.87 19.82
C LYS B 207 18.59 14.70 20.29
N ALA B 208 19.12 13.47 20.22
CA ALA B 208 18.41 12.31 20.73
C ALA B 208 18.10 12.48 22.22
N ILE B 209 19.06 13.01 23.00
CA ILE B 209 18.89 13.20 24.43
C ILE B 209 17.90 14.33 24.66
N ALA B 210 18.15 15.44 23.96
CA ALA B 210 17.35 16.66 24.11
C ALA B 210 15.86 16.37 23.97
N TYR B 211 15.48 15.51 23.02
CA TYR B 211 14.07 15.33 22.69
C TYR B 211 13.54 13.99 23.21
N CYS B 212 14.31 13.31 24.06
CA CYS B 212 13.86 12.01 24.54
C CYS B 212 12.74 12.17 25.55
N THR B 213 11.71 11.35 25.44
CA THR B 213 10.69 11.32 26.50
C THR B 213 10.54 9.94 27.14
N LYS B 214 11.47 9.03 26.90
CA LYS B 214 11.41 7.67 27.41
C LYS B 214 12.82 7.29 27.84
N PRO B 215 13.39 7.84 28.91
CA PRO B 215 12.76 8.82 29.78
C PRO B 215 13.04 10.28 29.44
N TYR B 216 12.18 11.14 29.97
CA TYR B 216 12.34 12.59 29.97
C TYR B 216 13.26 12.99 31.12
N ILE B 217 14.39 13.62 30.78
CA ILE B 217 15.29 14.18 31.79
C ILE B 217 15.29 15.71 31.62
N PRO B 218 14.50 16.46 32.43
CA PRO B 218 14.30 17.89 32.22
C PRO B 218 15.61 18.67 32.16
N ASP B 219 16.59 18.27 32.99
CA ASP B 219 17.86 18.98 32.98
C ASP B 219 18.64 18.74 31.68
N LEU B 220 18.22 17.80 30.81
CA LEU B 220 18.98 17.57 29.59
C LEU B 220 18.14 17.84 28.36
N ALA B 221 16.93 18.35 28.59
CA ALA B 221 15.93 18.40 27.52
C ALA B 221 16.06 19.66 26.66
N SER B 222 17.28 20.00 26.25
CA SER B 222 17.47 21.00 25.22
C SER B 222 18.81 20.70 24.56
N GLU B 223 18.93 21.13 23.32
CA GLU B 223 20.12 20.89 22.53
C GLU B 223 21.35 21.43 23.26
N GLY B 224 21.22 22.61 23.86
CA GLY B 224 22.33 23.26 24.53
C GLY B 224 22.82 22.49 25.76
N LYS B 225 21.87 22.09 26.61
CA LYS B 225 22.16 21.31 27.81
C LYS B 225 22.71 19.93 27.46
N ALA B 226 22.14 19.29 26.43
CA ALA B 226 22.58 17.96 26.06
C ALA B 226 23.97 18.02 25.47
N PHE B 227 24.21 18.98 24.58
CA PHE B 227 25.52 19.19 23.96
C PHE B 227 26.62 19.36 25.01
N LYS B 228 26.37 20.23 25.97
CA LYS B 228 27.34 20.56 26.99
C LYS B 228 27.65 19.33 27.85
N PHE B 229 26.57 18.63 28.25
CA PHE B 229 26.69 17.43 29.06
C PHE B 229 27.60 16.42 28.37
N LEU B 230 27.43 16.21 27.07
CA LEU B 230 28.24 15.21 26.40
C LEU B 230 29.69 15.70 26.23
N LYS B 231 29.85 16.99 25.91
CA LYS B 231 31.17 17.58 25.79
C LYS B 231 31.95 17.37 27.10
N ASP B 232 31.30 17.65 28.22
CA ASP B 232 31.87 17.52 29.55
C ASP B 232 32.37 16.12 29.84
N ILE B 233 31.72 15.07 29.31
CA ILE B 233 32.16 13.74 29.69
C ILE B 233 32.97 13.12 28.57
N GLY B 234 33.27 13.89 27.53
CA GLY B 234 34.21 13.47 26.51
C GLY B 234 33.58 12.63 25.39
N ILE B 235 32.28 12.83 25.17
CA ILE B 235 31.61 12.23 24.03
C ILE B 235 31.42 13.29 22.94
N ASP B 236 31.73 12.91 21.70
CA ASP B 236 31.41 13.72 20.54
C ASP B 236 29.89 13.83 20.37
N PRO B 237 29.32 15.04 20.60
CA PRO B 237 27.88 15.20 20.65
C PRO B 237 27.22 15.03 19.29
N ASN B 238 28.02 15.11 18.22
CA ASN B 238 27.53 15.03 16.85
C ASN B 238 27.53 13.60 16.34
N LYS B 239 28.18 12.64 17.00
CA LYS B 239 28.12 11.28 16.50
C LYS B 239 26.69 10.78 16.65
N LYS B 240 26.37 9.70 15.93
CA LYS B 240 25.00 9.25 15.76
C LYS B 240 24.73 7.95 16.52
N GLN B 241 25.80 7.29 16.97
CA GLN B 241 25.71 6.07 17.75
C GLN B 241 26.77 6.14 18.85
N LEU B 242 26.36 5.83 20.08
CA LEU B 242 27.26 5.70 21.21
C LEU B 242 27.87 4.31 21.21
N ASP B 243 29.20 4.18 21.33
CA ASP B 243 29.82 2.88 21.47
C ASP B 243 29.79 2.48 22.95
N ASP B 244 30.42 1.34 23.29
CA ASP B 244 30.40 0.82 24.64
C ASP B 244 31.12 1.75 25.63
N THR B 245 32.26 2.34 25.26
CA THR B 245 32.93 3.29 26.16
C THR B 245 32.06 4.51 26.42
N ASP B 246 31.49 5.06 25.33
CA ASP B 246 30.58 6.18 25.46
C ASP B 246 29.43 5.89 26.42
N LYS B 247 28.77 4.73 26.28
CA LYS B 247 27.63 4.40 27.12
C LYS B 247 28.05 4.29 28.58
N LYS B 248 29.21 3.68 28.87
CA LYS B 248 29.65 3.66 30.27
C LYS B 248 29.82 5.07 30.82
N LYS B 249 30.47 5.95 30.05
CA LYS B 249 30.69 7.32 30.53
C LYS B 249 29.37 8.05 30.67
N LEU B 250 28.47 7.84 29.71
CA LEU B 250 27.17 8.51 29.79
C LEU B 250 26.43 8.03 31.03
N LEU B 251 26.36 6.71 31.24
CA LEU B 251 25.49 6.20 32.29
C LEU B 251 26.10 6.58 33.63
N SER B 252 27.44 6.55 33.72
CA SER B 252 28.13 6.96 34.95
C SER B 252 27.74 8.38 35.37
N ALA B 253 27.68 9.31 34.41
CA ALA B 253 27.44 10.71 34.73
C ALA B 253 25.95 10.97 34.95
N ILE B 254 25.09 10.33 34.14
CA ILE B 254 23.70 10.75 34.05
C ILE B 254 22.93 10.31 35.30
N ILE B 255 23.42 9.28 35.99
CA ILE B 255 22.76 8.79 37.18
C ILE B 255 22.58 9.91 38.23
N PHE B 256 23.48 10.89 38.26
CA PHE B 256 23.30 12.01 39.18
C PHE B 256 22.08 12.84 38.78
N LYS B 257 21.80 12.98 37.47
CA LYS B 257 20.62 13.72 37.02
C LYS B 257 19.38 12.82 37.01
N TYR B 258 19.54 11.57 36.60
CA TYR B 258 18.42 10.65 36.49
C TYR B 258 18.84 9.33 37.10
N PRO B 259 18.50 9.08 38.36
CA PRO B 259 19.00 7.90 39.07
C PRO B 259 18.56 6.53 38.55
N LYS B 260 17.37 6.41 37.95
CA LYS B 260 16.85 5.10 37.54
C LYS B 260 17.37 4.74 36.16
N ILE B 261 18.67 4.52 36.08
CA ILE B 261 19.38 4.49 34.79
C ILE B 261 19.06 3.21 34.01
N GLU B 262 18.52 2.19 34.70
CA GLU B 262 17.99 1.00 34.05
C GLU B 262 16.93 1.34 32.99
N ASN B 263 16.17 2.41 33.17
CA ASN B 263 15.20 2.84 32.17
C ASN B 263 15.86 3.32 30.86
N LEU B 264 17.18 3.51 30.81
CA LEU B 264 17.85 3.98 29.61
C LEU B 264 18.29 2.80 28.73
N LEU B 265 18.20 1.59 29.26
CA LEU B 265 18.62 0.40 28.53
C LEU B 265 17.39 -0.36 28.02
N ILE B 266 17.47 -0.81 26.78
CA ILE B 266 16.39 -1.57 26.17
C ILE B 266 16.96 -2.72 25.37
N ASP B 267 16.15 -3.74 25.11
CA ASP B 267 16.44 -4.64 24.00
C ASP B 267 15.92 -3.97 22.72
N ARG B 268 16.85 -3.52 21.89
CA ARG B 268 16.54 -2.95 20.60
C ARG B 268 16.18 -4.09 19.66
N TYR B 269 15.21 -3.79 18.78
CA TYR B 269 14.82 -4.69 17.72
C TYR B 269 15.13 -4.07 16.37
N LEU B 270 16.09 -4.68 15.66
CA LEU B 270 16.48 -4.27 14.34
C LEU B 270 15.76 -5.17 13.33
N ILE B 271 14.83 -4.59 12.58
CA ILE B 271 13.87 -5.36 11.82
C ILE B 271 14.19 -5.25 10.33
N GLU B 272 13.63 -6.18 9.56
CA GLU B 272 13.72 -6.15 8.11
C GLU B 272 12.62 -5.23 7.56
N HIS B 273 12.96 -3.93 7.54
CA HIS B 273 12.16 -2.82 7.08
C HIS B 273 13.08 -1.66 6.76
N LYS B 274 12.67 -0.79 5.84
CA LYS B 274 13.49 0.37 5.53
C LYS B 274 13.76 1.19 6.78
N VAL B 275 12.80 1.25 7.69
CA VAL B 275 13.06 1.85 8.98
C VAL B 275 13.48 0.70 9.89
N ARG B 276 14.80 0.52 10.03
CA ARG B 276 15.37 -0.69 10.58
C ARG B 276 15.16 -0.82 12.08
N ASP B 277 15.06 0.33 12.74
CA ASP B 277 14.83 0.33 14.18
C ASP B 277 13.33 0.29 14.47
N ALA B 278 12.84 -0.80 15.09
CA ALA B 278 11.42 -0.92 15.36
C ALA B 278 10.92 0.11 16.37
N PHE B 279 11.76 0.47 17.38
CA PHE B 279 11.39 1.52 18.31
C PHE B 279 11.17 2.84 17.57
N LEU B 280 12.01 3.15 16.58
CA LEU B 280 11.86 4.39 15.82
C LEU B 280 10.61 4.35 14.93
N LEU B 281 10.38 3.22 14.26
CA LEU B 281 9.21 3.06 13.43
C LEU B 281 7.94 3.24 14.25
N SER B 282 7.93 2.67 15.48
CA SER B 282 6.79 2.83 16.38
C SER B 282 6.54 4.30 16.70
N GLU B 283 7.61 5.07 17.02
CA GLU B 283 7.43 6.49 17.35
C GLU B 283 6.94 7.27 16.12
N MET B 284 7.47 6.97 14.96
CA MET B 284 7.10 7.57 13.70
C MET B 284 5.63 7.32 13.41
N LEU B 285 5.15 6.08 13.54
CA LEU B 285 3.74 5.79 13.29
C LEU B 285 2.88 6.53 14.31
N ASN B 286 3.33 6.62 15.57
CA ASN B 286 2.58 7.38 16.57
C ASN B 286 2.41 8.85 16.16
N ALA B 287 3.52 9.52 15.79
CA ALA B 287 3.52 10.94 15.44
C ALA B 287 2.65 11.18 14.20
N VAL B 288 2.78 10.34 13.15
CA VAL B 288 1.93 10.55 11.97
C VAL B 288 0.45 10.35 12.30
N GLY B 289 0.13 9.35 13.10
CA GLY B 289 -1.26 9.06 13.49
C GLY B 289 -1.88 10.17 14.34
N ARG B 290 -1.06 10.80 15.19
CA ARG B 290 -1.49 11.91 16.03
C ARG B 290 -1.76 13.14 15.16
N ASN B 291 -1.16 13.18 13.98
CA ASN B 291 -1.31 14.29 13.08
C ASN B 291 -2.36 14.00 12.01
N GLY B 292 -3.13 12.92 12.16
CA GLY B 292 -4.14 12.56 11.18
C GLY B 292 -3.60 12.04 9.85
N LEU B 293 -2.31 11.70 9.78
CA LEU B 293 -1.71 11.29 8.51
C LEU B 293 -1.81 9.79 8.38
N PHE B 294 -3.04 9.28 8.36
CA PHE B 294 -3.25 7.84 8.45
C PHE B 294 -2.75 7.11 7.21
N ALA B 295 -3.09 7.62 6.01
CA ALA B 295 -2.65 6.98 4.78
C ALA B 295 -1.13 7.04 4.63
N VAL B 296 -0.54 8.13 5.12
CA VAL B 296 0.91 8.21 5.12
C VAL B 296 1.47 7.07 5.99
N GLY B 297 0.86 6.81 7.14
CA GLY B 297 1.34 5.76 8.05
C GLY B 297 1.26 4.39 7.42
N ILE B 298 0.17 4.13 6.69
CA ILE B 298 0.03 2.88 5.95
C ILE B 298 1.15 2.79 4.93
N GLY B 299 1.45 3.89 4.26
CA GLY B 299 2.53 3.92 3.29
C GLY B 299 3.89 3.60 3.91
N ILE B 300 4.14 4.14 5.10
CA ILE B 300 5.38 3.85 5.81
C ILE B 300 5.48 2.34 6.05
N CYS B 301 4.39 1.73 6.50
CA CYS B 301 4.38 0.28 6.72
C CYS B 301 4.67 -0.47 5.43
N LEU B 302 4.23 0.08 4.28
CA LEU B 302 4.47 -0.48 2.97
C LEU B 302 5.83 -0.09 2.37
N GLU B 303 6.67 0.65 3.12
CA GLU B 303 8.04 0.98 2.77
C GLU B 303 8.08 1.95 1.60
N ASP B 304 7.11 2.86 1.51
CA ASP B 304 7.19 3.92 0.53
C ASP B 304 8.16 5.01 1.02
N ASP B 305 9.15 5.36 0.18
CA ASP B 305 10.22 6.28 0.53
C ASP B 305 9.70 7.67 0.88
N GLU B 306 8.72 8.19 0.13
CA GLU B 306 8.25 9.53 0.40
C GLU B 306 7.44 9.57 1.70
N CYS B 307 6.66 8.53 1.97
CA CYS B 307 5.94 8.43 3.24
C CYS B 307 6.92 8.33 4.42
N ILE B 308 8.02 7.59 4.25
CA ILE B 308 9.02 7.51 5.30
C ILE B 308 9.66 8.90 5.52
N LYS B 309 9.86 9.66 4.43
CA LYS B 309 10.46 10.97 4.51
C LYS B 309 9.52 11.92 5.24
N ILE B 310 8.21 11.84 4.93
CA ILE B 310 7.22 12.60 5.64
C ILE B 310 7.21 12.18 7.10
N GLY B 311 7.26 10.86 7.35
CA GLY B 311 7.26 10.34 8.69
C GLY B 311 8.41 10.89 9.53
N ASN B 312 9.64 10.92 8.99
CA ASN B 312 10.78 11.42 9.72
CA ASN B 312 10.78 11.42 9.73
C ASN B 312 10.58 12.91 10.02
N GLN B 313 10.05 13.67 9.06
CA GLN B 313 9.81 15.09 9.30
C GLN B 313 8.80 15.28 10.42
N ILE B 314 7.66 14.58 10.32
CA ILE B 314 6.59 14.72 11.29
C ILE B 314 7.04 14.25 12.68
N LEU B 315 7.85 13.18 12.75
CA LEU B 315 8.33 12.64 14.02
C LEU B 315 9.05 13.75 14.80
N TRP B 316 10.02 14.37 14.14
CA TRP B 316 10.88 15.33 14.82
C TRP B 316 10.15 16.63 15.16
N GLU B 317 9.14 17.04 14.37
CA GLU B 317 8.31 18.17 14.75
C GLU B 317 7.51 17.83 16.01
N TYR B 318 6.95 16.60 16.00
CA TYR B 318 6.15 16.11 17.09
C TYR B 318 6.95 16.05 18.40
N LYS B 319 8.18 15.54 18.31
CA LYS B 319 9.04 15.41 19.48
C LYS B 319 9.41 16.80 20.02
N LYS B 320 9.72 17.74 19.15
CA LYS B 320 10.11 19.08 19.59
C LYS B 320 8.92 19.76 20.27
N ASN B 321 7.75 19.63 19.66
CA ASN B 321 6.55 20.18 20.23
C ASN B 321 6.25 19.54 21.59
N LEU B 322 6.47 18.23 21.73
CA LEU B 322 6.14 17.56 22.97
C LEU B 322 7.09 18.07 24.06
N ILE B 323 8.36 18.28 23.77
CA ILE B 323 9.27 18.84 24.76
C ILE B 323 8.84 20.25 25.17
N ASN B 324 8.42 21.09 24.20
CA ASN B 324 7.85 22.39 24.50
C ASN B 324 6.63 22.29 25.42
N GLU B 325 5.70 21.34 25.18
CA GLU B 325 4.55 21.21 26.04
C GLU B 325 4.98 20.82 27.47
N LEU B 326 5.97 19.93 27.59
CA LEU B 326 6.40 19.42 28.88
C LEU B 326 7.04 20.56 29.68
N LYS B 327 7.86 21.37 29.02
CA LYS B 327 8.50 22.53 29.62
C LYS B 327 7.48 23.58 30.09
N SER B 328 6.28 23.59 29.49
CA SER B 328 5.29 24.59 29.86
C SER B 328 4.46 24.14 31.06
N VAL B 329 4.61 22.90 31.54
CA VAL B 329 3.73 22.38 32.57
C VAL B 329 4.09 23.06 33.90
N LYS B 330 3.06 23.50 34.62
CA LYS B 330 3.19 24.05 35.96
C LYS B 330 2.79 22.95 36.94
N LEU B 331 3.82 22.23 37.37
CA LEU B 331 3.62 21.03 38.17
C LEU B 331 3.51 21.47 39.63
N LYS B 332 2.38 21.13 40.24
CA LYS B 332 2.17 21.40 41.66
C LYS B 332 2.31 20.10 42.45
N LYS B 333 2.72 20.25 43.71
CA LYS B 333 3.05 19.13 44.59
C LYS B 333 2.05 19.15 45.75
N LEU B 334 1.42 18.01 46.05
CA LEU B 334 0.78 17.79 47.34
C LEU B 334 1.72 16.90 48.16
N ASN B 335 1.23 16.05 49.05
CA ASN B 335 2.15 15.29 49.90
C ASN B 335 2.68 14.04 49.20
N ASN B 336 1.81 13.34 48.45
CA ASN B 336 2.09 12.02 47.88
C ASN B 336 2.04 12.04 46.34
N ILE B 337 1.57 13.15 45.73
CA ILE B 337 1.36 13.24 44.29
C ILE B 337 1.84 14.60 43.78
N TYR B 338 2.09 14.66 42.46
CA TYR B 338 2.12 15.90 41.70
C TYR B 338 0.85 16.00 40.85
N TYR B 339 0.50 17.24 40.45
CA TYR B 339 -0.64 17.44 39.57
C TYR B 339 -0.41 18.72 38.74
N PHE B 340 -1.18 18.82 37.65
CA PHE B 340 -1.13 19.98 36.79
C PHE B 340 -2.44 20.12 36.02
N GLU B 341 -2.76 21.34 35.61
CA GLU B 341 -3.78 21.57 34.59
C GLU B 341 -3.07 21.67 33.24
N GLY B 342 -3.54 20.89 32.24
CA GLY B 342 -3.00 20.98 30.89
C GLY B 342 -4.09 21.19 29.84
N LYS B 343 -3.81 20.76 28.61
CA LYS B 343 -4.72 20.87 27.48
C LYS B 343 -5.37 19.51 27.23
N LYS B 344 -6.63 19.54 26.75
CA LYS B 344 -7.49 18.38 26.60
C LYS B 344 -6.76 17.21 25.94
N GLY B 345 -5.97 17.51 24.91
CA GLY B 345 -5.41 16.49 24.03
C GLY B 345 -4.32 15.61 24.67
N MET B 346 -3.57 16.15 25.64
CA MET B 346 -2.29 15.56 25.97
C MET B 346 -2.10 15.32 27.47
N ILE B 347 -3.17 15.34 28.27
CA ILE B 347 -3.03 15.26 29.71
C ILE B 347 -2.39 13.92 30.11
N GLY B 348 -2.89 12.81 29.56
CA GLY B 348 -2.43 11.47 29.91
C GLY B 348 -1.04 11.16 29.37
N ILE B 349 -0.74 11.61 28.15
CA ILE B 349 0.61 11.51 27.61
C ILE B 349 1.60 12.25 28.53
N ILE B 350 1.26 13.48 28.89
CA ILE B 350 2.17 14.31 29.68
C ILE B 350 2.34 13.71 31.08
N ALA B 351 1.22 13.29 31.70
CA ALA B 351 1.25 12.75 33.07
C ALA B 351 2.17 11.52 33.12
N SER B 352 2.01 10.63 32.14
CA SER B 352 2.77 9.41 32.05
CA SER B 352 2.78 9.40 32.06
C SER B 352 4.26 9.72 31.91
N ILE B 353 4.59 10.71 31.07
CA ILE B 353 5.98 11.07 30.85
C ILE B 353 6.59 11.64 32.11
N LEU B 354 5.81 12.43 32.87
CA LEU B 354 6.37 13.15 34.00
C LEU B 354 6.61 12.27 35.23
N VAL B 355 5.93 11.12 35.30
CA VAL B 355 6.07 10.23 36.44
C VAL B 355 7.53 9.88 36.68
N ASP B 356 7.97 10.09 37.91
CA ASP B 356 9.33 9.79 38.31
C ASP B 356 9.24 8.97 39.59
N ASP B 357 9.04 9.67 40.73
CA ASP B 357 9.01 9.09 42.07
C ASP B 357 7.58 8.94 42.57
N LYS B 358 6.66 9.84 42.18
CA LYS B 358 5.30 9.83 42.69
C LYS B 358 4.30 9.88 41.54
N PRO B 359 3.05 9.43 41.79
CA PRO B 359 1.99 9.51 40.79
C PRO B 359 1.80 10.94 40.32
N VAL B 360 1.44 11.10 39.05
CA VAL B 360 1.19 12.42 38.48
C VAL B 360 -0.25 12.43 37.98
N ILE B 361 -0.99 13.46 38.40
CA ILE B 361 -2.35 13.63 37.95
C ILE B 361 -2.49 14.95 37.21
N GLY B 362 -2.85 14.84 35.94
CA GLY B 362 -3.14 15.98 35.09
C GLY B 362 -4.64 16.13 34.94
N TYR B 363 -5.11 17.38 34.71
CA TYR B 363 -6.51 17.56 34.38
C TYR B 363 -6.66 18.76 33.45
N HIS B 364 -7.79 18.74 32.72
CA HIS B 364 -8.27 19.87 31.92
C HIS B 364 -9.71 20.14 32.33
N ILE B 365 -10.10 21.42 32.28
CA ILE B 365 -11.48 21.82 32.58
C ILE B 365 -12.21 22.05 31.27
N GLU B 366 -13.19 21.19 30.99
CA GLU B 366 -14.03 21.35 29.82
C GLU B 366 -15.43 21.73 30.32
N GLY B 367 -15.82 22.99 30.07
CA GLY B 367 -17.11 23.51 30.54
C GLY B 367 -17.16 23.59 32.06
N ASP B 368 -17.90 22.65 32.67
CA ASP B 368 -18.23 22.73 34.08
C ASP B 368 -17.55 21.63 34.90
N ILE B 369 -16.89 20.69 34.21
CA ILE B 369 -16.34 19.51 34.86
C ILE B 369 -14.84 19.40 34.56
N ALA B 370 -14.10 18.93 35.57
CA ALA B 370 -12.66 18.69 35.44
C ALA B 370 -12.44 17.20 35.17
N LYS B 371 -11.66 16.90 34.12
CA LYS B 371 -11.37 15.52 33.74
C LYS B 371 -9.90 15.25 34.02
N PHE B 372 -9.64 14.15 34.74
CA PHE B 372 -8.34 13.86 35.30
C PHE B 372 -7.73 12.62 34.65
N SER B 373 -6.40 12.63 34.52
CA SER B 373 -5.66 11.43 34.17
C SER B 373 -4.51 11.25 35.14
N ALA B 374 -4.55 10.11 35.84
CA ALA B 374 -3.61 9.76 36.87
C ALA B 374 -2.71 8.63 36.38
N ARG B 375 -1.38 8.78 36.58
CA ARG B 375 -0.42 7.79 36.15
C ARG B 375 0.59 7.52 37.26
N GLY B 376 0.99 6.24 37.33
CA GLY B 376 2.08 5.79 38.18
C GLY B 376 3.13 5.01 37.38
N ASN B 377 3.88 4.12 38.02
CA ASN B 377 4.82 3.23 37.35
C ASN B 377 4.85 1.91 38.11
N ARG B 378 5.57 0.91 37.57
CA ARG B 378 5.53 -0.45 38.11
C ARG B 378 6.04 -0.46 39.55
N ASP B 379 7.12 0.30 39.84
CA ASP B 379 7.67 0.40 41.18
C ASP B 379 6.62 0.90 42.18
N LEU B 380 5.85 1.91 41.77
CA LEU B 380 4.81 2.46 42.64
C LEU B 380 3.76 1.41 42.92
N VAL B 381 3.35 0.67 41.88
CA VAL B 381 2.34 -0.38 42.00
C VAL B 381 2.85 -1.47 42.95
N ASN B 382 4.12 -1.88 42.80
CA ASN B 382 4.73 -2.86 43.68
C ASN B 382 4.67 -2.44 45.15
N ARG B 383 4.70 -1.11 45.40
CA ARG B 383 4.66 -0.54 46.73
C ARG B 383 3.23 -0.31 47.20
N GLY B 384 2.26 -0.75 46.39
CA GLY B 384 0.87 -0.74 46.81
C GLY B 384 -0.03 0.32 46.15
N LEU B 385 0.53 1.12 45.22
CA LEU B 385 -0.28 2.11 44.51
C LEU B 385 -1.42 1.42 43.79
N ASN B 386 -2.62 2.00 43.91
CA ASN B 386 -3.74 1.52 43.12
C ASN B 386 -4.61 2.71 42.74
N LEU B 387 -4.46 3.19 41.50
CA LEU B 387 -5.10 4.43 41.08
C LEU B 387 -6.61 4.25 40.82
N SER B 388 -7.07 3.03 40.47
CA SER B 388 -8.51 2.85 40.24
C SER B 388 -9.28 3.12 41.52
N VAL B 389 -8.77 2.57 42.61
CA VAL B 389 -9.32 2.77 43.93
C VAL B 389 -9.18 4.25 44.33
N ALA B 390 -8.00 4.86 44.13
CA ALA B 390 -7.79 6.25 44.52
C ALA B 390 -8.70 7.20 43.72
N MET B 391 -8.79 6.98 42.41
CA MET B 391 -9.56 7.86 41.53
C MET B 391 -11.06 7.64 41.71
N ALA B 392 -11.46 6.44 42.15
CA ALA B 392 -12.89 6.12 42.34
C ALA B 392 -13.55 7.04 43.37
N VAL B 393 -12.78 7.53 44.35
CA VAL B 393 -13.26 8.42 45.40
C VAL B 393 -13.94 9.66 44.84
N ALA B 394 -13.83 9.89 43.52
CA ALA B 394 -14.52 10.97 42.82
C ALA B 394 -16.04 10.93 43.03
N LYS B 395 -16.58 9.73 43.36
CA LYS B 395 -18.02 9.51 43.55
C LYS B 395 -18.51 10.25 44.79
N GLU B 396 -17.63 10.34 45.80
CA GLU B 396 -17.87 11.13 47.01
C GLU B 396 -18.08 12.60 46.66
N PHE B 397 -17.62 13.05 45.49
CA PHE B 397 -17.64 14.44 45.08
C PHE B 397 -18.53 14.62 43.85
N GLY B 398 -19.49 13.71 43.66
CA GLY B 398 -20.51 13.82 42.63
C GLY B 398 -20.06 13.30 41.26
N GLY B 399 -18.80 12.92 41.13
CA GLY B 399 -18.28 12.43 39.85
C GLY B 399 -18.10 10.92 39.88
N ASN B 400 -17.14 10.42 39.10
CA ASN B 400 -16.79 9.01 39.15
C ASN B 400 -15.40 8.83 38.53
N GLY B 401 -14.76 7.71 38.86
CA GLY B 401 -13.38 7.48 38.47
C GLY B 401 -12.99 6.03 38.70
N GLY B 402 -11.92 5.63 38.01
CA GLY B 402 -11.42 4.27 38.06
C GLY B 402 -10.51 4.00 36.87
N GLY B 403 -10.16 2.72 36.71
CA GLY B 403 -9.28 2.26 35.65
C GLY B 403 -8.35 1.18 36.18
N HIS B 404 -7.04 1.34 35.91
CA HIS B 404 -6.01 0.39 36.29
C HIS B 404 -5.20 0.92 37.47
N ASP B 405 -4.48 0.01 38.14
CA ASP B 405 -3.66 0.35 39.29
C ASP B 405 -2.64 1.44 38.93
N VAL B 406 -2.11 1.39 37.70
CA VAL B 406 -1.00 2.23 37.24
C VAL B 406 -1.48 3.42 36.39
N ALA B 407 -2.76 3.38 35.96
CA ALA B 407 -3.33 4.35 35.03
C ALA B 407 -4.84 4.39 35.25
N SER B 408 -5.35 5.55 35.67
CA SER B 408 -6.77 5.74 35.93
C SER B 408 -7.21 7.16 35.56
N GLY B 409 -8.53 7.34 35.51
CA GLY B 409 -9.16 8.61 35.18
C GLY B 409 -10.29 8.93 36.16
N ALA B 410 -10.74 10.19 36.12
CA ALA B 410 -11.85 10.63 36.93
C ALA B 410 -12.43 11.92 36.36
N VAL B 411 -13.71 12.16 36.70
CA VAL B 411 -14.41 13.42 36.44
C VAL B 411 -15.07 13.87 37.75
N VAL B 412 -14.96 15.17 38.02
CA VAL B 412 -15.71 15.83 39.09
C VAL B 412 -16.10 17.23 38.59
N SER B 413 -16.98 17.88 39.34
CA SER B 413 -17.40 19.23 39.05
C SER B 413 -16.20 20.16 39.16
N LYS B 414 -16.05 21.09 38.21
CA LYS B 414 -14.81 21.84 38.12
C LYS B 414 -14.54 22.61 39.41
N ASP B 415 -15.55 22.73 40.29
CA ASP B 415 -15.39 23.52 41.52
C ASP B 415 -14.82 22.66 42.66
N LYS B 416 -14.69 21.33 42.49
CA LYS B 416 -14.26 20.43 43.56
C LYS B 416 -12.86 19.87 43.30
N VAL B 417 -12.08 20.57 42.47
CA VAL B 417 -10.75 20.12 42.08
C VAL B 417 -9.90 19.94 43.35
N GLN B 418 -9.76 21.01 44.15
CA GLN B 418 -8.82 20.97 45.27
C GLN B 418 -9.23 19.89 46.28
N GLU B 419 -10.54 19.78 46.52
CA GLU B 419 -11.08 18.88 47.54
C GLU B 419 -10.87 17.42 47.10
N PHE B 420 -11.02 17.16 45.79
CA PHE B 420 -10.87 15.83 45.22
C PHE B 420 -9.41 15.39 45.35
N LEU B 421 -8.50 16.29 44.95
CA LEU B 421 -7.08 15.97 44.92
C LEU B 421 -6.53 15.79 46.32
N LYS B 422 -7.04 16.55 47.30
CA LYS B 422 -6.61 16.38 48.68
C LYS B 422 -6.96 14.96 49.10
N ARG B 423 -8.16 14.51 48.73
CA ARG B 423 -8.61 13.19 49.11
C ARG B 423 -7.75 12.12 48.40
N VAL B 424 -7.60 12.27 47.07
CA VAL B 424 -6.77 11.34 46.30
C VAL B 424 -5.38 11.24 46.94
N ASP B 425 -4.78 12.40 47.26
CA ASP B 425 -3.45 12.48 47.85
C ASP B 425 -3.35 11.65 49.14
N GLU B 426 -4.42 11.67 49.95
CA GLU B 426 -4.45 11.02 51.25
C GLU B 426 -4.56 9.51 51.06
N ILE B 427 -5.44 9.08 50.15
CA ILE B 427 -5.65 7.67 49.86
C ILE B 427 -4.31 7.07 49.43
N ILE B 428 -3.63 7.77 48.49
CA ILE B 428 -2.37 7.29 47.95
C ILE B 428 -1.32 7.19 49.05
N GLY B 429 -1.30 8.17 49.96
CA GLY B 429 -0.43 8.16 51.12
C GLY B 429 -0.61 6.86 51.94
N GLU B 430 -1.87 6.47 52.15
CA GLU B 430 -2.16 5.24 52.91
C GLU B 430 -1.79 3.99 52.11
N GLN B 431 -2.10 3.94 50.80
CA GLN B 431 -1.77 2.77 50.00
C GLN B 431 -0.28 2.46 50.03
N LEU B 432 0.53 3.52 50.10
CA LEU B 432 1.97 3.35 49.98
C LEU B 432 2.66 3.13 51.33
N ARG B 433 1.97 3.27 52.49
CA ARG B 433 2.63 3.12 53.79
C ARG B 433 2.43 1.70 54.34
#